data_9ETM
#
_entry.id   9ETM
#
_cell.length_a   1.00
_cell.length_b   1.00
_cell.length_c   1.00
_cell.angle_alpha   90.00
_cell.angle_beta   90.00
_cell.angle_gamma   90.00
#
_symmetry.space_group_name_H-M   'P 1'
#
loop_
_entity.id
_entity.type
_entity.pdbx_description
1 polymer 'Mitochondrial import receptor subunit TOM6'
2 polymer 'Mitochondrial import receptor subunit TOM5'
3 polymer 'Mitochondrial import receptor subunit TOM7'
4 polymer 'Mitochondrial import receptor subunit TOM22'
5 polymer 'Mitochondrial import receptor subunit TOM40'
6 non-polymer 'DIUNDECYL PHOSPHATIDYL CHOLINE'
#
loop_
_entity_poly.entity_id
_entity_poly.type
_entity_poly.pdbx_seq_one_letter_code
_entity_poly.pdbx_strand_id
1 'polypeptide(L)' PLSIVRSIYNNEFQWMLVKSYGLFFLGVRLAKEFVGVELMPS G,H
2 'polypeptide(L)' SQPDPAEEQKRVAAEVRFNFILFGAVIAAVRLAPIVLKH I,J
3 'polypeptide(L)' DRLGFVVGVVQTGFHWGFVPLVLYLGFMKGAEPGMPPLNLFSLLWQ E,F
4 'polypeptide(L)' ATVKSVKGFYSFSCNASWIFFTSAVILFAPVIFETERAQMEELHKSQ C,D
5 'polypeptide(L)'
;AALENPGTVEELHKKCKDIQAITFEGAKIMLNKGLSNHFQVSHTINMSNVVPSGYRFGATYVGTKEFSPTEAFPVLLGDI
DPAGNLNANVIHQFSARLRCKFASQIQESKVVASQLTTDYRGSDYTLSLTVANPSIFTNSGVVVGQYLQSVTPALALGSE
LAYQFGPNVPGRQIAIMSVVGRYTAGSSVWSGTLGQSGLHVCYYQKASDQLQIGAEVETSLRMQESVATLAYQIDLPKAN
LVFRGGIDSNWQIFGVLEKRLAPLPFTLALSGRMNHVKNNFRLGCGLMIG
;
A,B
#
# COMPACT_ATOMS: atom_id res chain seq x y z
N PRO A 1 4.36 17.95 42.06
CA PRO A 1 3.14 17.13 41.99
C PRO A 1 3.31 15.88 41.14
N LEU A 2 4.54 15.62 40.68
CA LEU A 2 4.80 14.39 39.93
C LEU A 2 4.48 13.15 40.76
N SER A 3 4.61 13.25 42.08
CA SER A 3 4.15 12.17 42.96
C SER A 3 2.65 11.95 42.84
N ILE A 4 1.90 13.00 42.52
CA ILE A 4 0.46 12.88 42.28
C ILE A 4 0.16 12.49 40.84
N VAL A 5 0.66 13.26 39.88
CA VAL A 5 0.25 13.08 38.49
C VAL A 5 0.76 11.76 37.94
N ARG A 6 1.94 11.32 38.34
CA ARG A 6 2.41 10.01 37.91
C ARG A 6 1.52 8.89 38.44
N SER A 7 0.90 9.07 39.60
CA SER A 7 -0.05 8.08 40.08
C SER A 7 -1.28 7.96 39.18
N ILE A 8 -1.56 8.98 38.37
CA ILE A 8 -2.55 8.84 37.31
C ILE A 8 -1.93 8.19 36.08
N TYR A 9 -0.81 8.74 35.60
CA TYR A 9 -0.15 8.25 34.40
C TYR A 9 0.16 6.76 34.51
N ASN A 10 0.48 6.29 35.70
CA ASN A 10 0.77 4.88 35.91
C ASN A 10 -0.47 3.98 35.84
N ASN A 11 -1.67 4.55 35.90
CA ASN A 11 -2.88 3.75 36.03
C ASN A 11 -3.75 3.87 34.77
N GLU A 12 -4.03 2.72 34.16
CA GLU A 12 -4.44 2.67 32.76
C GLU A 12 -5.71 3.49 32.51
N PHE A 13 -6.78 3.19 33.25
CA PHE A 13 -8.06 3.84 33.00
C PHE A 13 -7.99 5.32 33.33
N GLN A 14 -7.41 5.67 34.48
CA GLN A 14 -7.28 7.08 34.84
C GLN A 14 -6.49 7.85 33.80
N TRP A 15 -5.44 7.21 33.27
CA TRP A 15 -4.66 7.82 32.18
C TRP A 15 -5.43 7.82 30.88
N MET A 16 -6.11 6.71 30.55
CA MET A 16 -6.96 6.69 29.37
C MET A 16 -8.00 7.80 29.41
N LEU A 17 -8.59 8.04 30.58
CA LEU A 17 -9.51 9.16 30.74
C LEU A 17 -8.83 10.49 30.47
N VAL A 18 -7.70 10.74 31.13
CA VAL A 18 -6.97 11.99 30.95
C VAL A 18 -6.58 12.19 29.49
N LYS A 19 -6.06 11.15 28.85
CA LYS A 19 -5.73 11.24 27.44
C LYS A 19 -6.96 11.57 26.59
N SER A 20 -8.06 10.85 26.83
CA SER A 20 -9.24 10.99 25.98
C SER A 20 -9.92 12.36 26.16
N TYR A 21 -10.16 12.75 27.41
CA TYR A 21 -10.69 14.09 27.67
C TYR A 21 -9.71 15.20 27.32
N GLY A 22 -8.41 14.98 27.44
CA GLY A 22 -7.44 15.95 27.00
C GLY A 22 -7.51 16.26 25.51
N LEU A 23 -7.32 15.23 24.69
CA LEU A 23 -7.39 15.39 23.24
C LEU A 23 -8.76 15.90 22.79
N PHE A 24 -9.82 15.45 23.46
CA PHE A 24 -11.15 15.97 23.17
C PHE A 24 -11.22 17.48 23.37
N PHE A 25 -10.86 17.97 24.56
CA PHE A 25 -10.94 19.41 24.79
C PHE A 25 -9.95 20.19 23.94
N LEU A 26 -8.78 19.61 23.66
CA LEU A 26 -7.88 20.22 22.68
C LEU A 26 -8.57 20.38 21.33
N GLY A 27 -9.27 19.33 20.90
CA GLY A 27 -10.10 19.43 19.70
C GLY A 27 -11.15 20.52 19.79
N VAL A 28 -11.73 20.72 20.98
CA VAL A 28 -12.69 21.80 21.16
C VAL A 28 -12.02 23.16 21.02
N ARG A 29 -10.85 23.33 21.64
CA ARG A 29 -10.11 24.58 21.47
C ARG A 29 -9.72 24.80 20.00
N LEU A 30 -9.11 23.80 19.38
CA LEU A 30 -8.74 23.90 17.96
C LEU A 30 -9.95 24.19 17.09
N ALA A 31 -11.03 23.44 17.27
CA ALA A 31 -12.22 23.63 16.43
C ALA A 31 -12.77 25.04 16.55
N LYS A 32 -12.87 25.57 17.77
CA LYS A 32 -13.37 26.93 17.93
C LYS A 32 -12.43 27.97 17.32
N GLU A 33 -11.14 27.64 17.18
CA GLU A 33 -10.21 28.51 16.46
C GLU A 33 -10.28 28.31 14.94
N PHE A 34 -10.40 27.06 14.50
CA PHE A 34 -10.59 26.73 13.09
C PHE A 34 -11.83 27.30 12.40
N VAL A 35 -12.80 27.82 13.15
CA VAL A 35 -14.11 28.12 12.54
C VAL A 35 -13.99 29.07 11.36
N GLY A 36 -12.98 29.94 11.36
CA GLY A 36 -12.75 30.84 10.24
C GLY A 36 -11.87 30.32 9.13
N VAL A 37 -11.39 29.09 9.19
CA VAL A 37 -10.30 28.64 8.33
C VAL A 37 -10.85 28.06 7.04
N GLU A 38 -10.18 28.37 5.93
CA GLU A 38 -10.39 27.73 4.64
C GLU A 38 -9.03 27.47 4.01
N LEU A 39 -8.91 26.37 3.29
CA LEU A 39 -7.62 25.91 2.78
C LEU A 39 -7.34 26.35 1.35
N MET A 40 -8.34 26.41 0.49
CA MET A 40 -8.19 26.91 -0.88
C MET A 40 -9.32 27.88 -1.18
N PRO A 41 -9.30 29.06 -0.58
CA PRO A 41 -10.55 29.78 -0.30
C PRO A 41 -11.27 30.17 -1.58
N SER A 42 -12.52 30.55 -1.43
CA SER A 42 -13.34 31.01 -2.56
C SER A 42 -12.70 32.22 -3.23
N SER B 1 -27.88 -26.44 50.51
CA SER B 1 -29.20 -26.21 51.09
C SER B 1 -29.98 -25.21 50.26
N GLN B 2 -29.27 -24.28 49.63
CA GLN B 2 -29.93 -23.27 48.82
C GLN B 2 -30.54 -23.91 47.57
N PRO B 3 -31.76 -23.52 47.19
CA PRO B 3 -32.25 -23.92 45.86
C PRO B 3 -31.59 -23.13 44.74
N ASP B 4 -31.36 -21.84 44.93
CA ASP B 4 -30.85 -20.97 43.89
C ASP B 4 -30.37 -19.66 44.49
N PRO B 5 -29.19 -19.13 44.10
CA PRO B 5 -28.88 -17.74 44.41
C PRO B 5 -29.72 -16.75 43.62
N ALA B 6 -31.04 -16.85 43.76
CA ALA B 6 -31.96 -16.10 42.91
C ALA B 6 -31.93 -14.61 43.20
N GLU B 7 -31.55 -14.23 44.43
CA GLU B 7 -31.74 -12.86 44.89
C GLU B 7 -30.98 -11.86 44.02
N GLU B 8 -29.71 -12.12 43.74
CA GLU B 8 -28.96 -11.26 42.84
C GLU B 8 -29.58 -11.22 41.45
N GLN B 9 -30.03 -12.36 40.96
CA GLN B 9 -30.63 -12.44 39.63
C GLN B 9 -31.95 -11.66 39.55
N LYS B 10 -32.81 -11.80 40.56
CA LYS B 10 -34.06 -11.05 40.60
C LYS B 10 -33.86 -9.57 40.89
N ARG B 11 -32.84 -9.22 41.67
CA ARG B 11 -32.50 -7.80 41.84
C ARG B 11 -32.04 -7.17 40.52
N VAL B 12 -31.25 -7.90 39.73
CA VAL B 12 -30.93 -7.43 38.38
C VAL B 12 -32.20 -7.27 37.54
N ALA B 13 -33.13 -8.23 37.64
CA ALA B 13 -34.41 -8.08 36.96
C ALA B 13 -35.18 -6.87 37.47
N ALA B 14 -35.14 -6.62 38.79
CA ALA B 14 -35.77 -5.43 39.35
C ALA B 14 -35.17 -4.13 38.80
N GLU B 15 -33.85 -4.09 38.69
CA GLU B 15 -33.20 -2.94 38.03
C GLU B 15 -33.53 -2.84 36.55
N VAL B 16 -33.75 -3.97 35.87
CA VAL B 16 -34.18 -3.91 34.47
C VAL B 16 -35.54 -3.23 34.34
N ARG B 17 -36.52 -3.64 35.14
CA ARG B 17 -37.79 -2.93 35.16
C ARG B 17 -37.63 -1.49 35.64
N PHE B 18 -36.69 -1.24 36.55
CA PHE B 18 -36.39 0.13 36.96
C PHE B 18 -35.86 0.96 35.79
N ASN B 19 -35.02 0.36 34.95
CA ASN B 19 -34.58 1.01 33.72
C ASN B 19 -35.74 1.29 32.77
N PHE B 20 -36.69 0.35 32.64
CA PHE B 20 -37.87 0.58 31.82
C PHE B 20 -38.70 1.77 32.30
N ILE B 21 -39.02 1.81 33.60
CA ILE B 21 -39.82 2.94 34.09
C ILE B 21 -39.05 4.25 34.01
N LEU B 22 -37.73 4.22 34.21
CA LEU B 22 -36.92 5.42 34.00
C LEU B 22 -36.91 5.85 32.55
N PHE B 23 -36.78 4.89 31.62
CA PHE B 23 -36.89 5.20 30.20
C PHE B 23 -38.23 5.87 29.87
N GLY B 24 -39.32 5.29 30.38
CA GLY B 24 -40.63 5.92 30.21
C GLY B 24 -40.73 7.29 30.85
N ALA B 25 -40.24 7.42 32.08
CA ALA B 25 -40.29 8.68 32.80
C ALA B 25 -39.53 9.81 32.09
N VAL B 26 -38.36 9.50 31.54
CA VAL B 26 -37.64 10.53 30.77
C VAL B 26 -38.39 10.90 29.50
N ILE B 27 -39.04 9.93 28.85
CA ILE B 27 -39.90 10.28 27.71
C ILE B 27 -41.08 11.13 28.16
N ALA B 28 -41.71 10.75 29.26
CA ALA B 28 -42.77 11.58 29.83
C ALA B 28 -42.27 12.98 30.19
N ALA B 29 -41.10 13.06 30.82
CA ALA B 29 -40.52 14.35 31.15
C ALA B 29 -40.31 15.21 29.90
N VAL B 30 -39.62 14.67 28.89
CA VAL B 30 -39.39 15.45 27.67
C VAL B 30 -40.69 15.72 26.94
N ARG B 31 -41.68 14.84 27.08
CA ARG B 31 -42.98 15.11 26.47
C ARG B 31 -43.67 16.30 27.14
N LEU B 32 -43.42 16.51 28.44
CA LEU B 32 -43.87 17.70 29.14
C LEU B 32 -42.93 18.89 28.99
N ALA B 33 -41.63 18.62 28.84
CA ALA B 33 -40.60 19.67 28.94
C ALA B 33 -40.85 20.89 28.07
N PRO B 34 -41.17 20.77 26.78
CA PRO B 34 -41.33 22.00 25.96
C PRO B 34 -42.46 22.89 26.43
N ILE B 35 -43.57 22.32 26.91
CA ILE B 35 -44.64 23.14 27.49
C ILE B 35 -44.15 23.81 28.75
N VAL B 36 -43.52 23.04 29.64
CA VAL B 36 -42.96 23.59 30.88
C VAL B 36 -41.94 24.68 30.58
N LEU B 37 -41.12 24.47 29.53
CA LEU B 37 -40.11 25.48 29.21
C LEU B 37 -40.72 26.72 28.56
N LYS B 38 -41.74 26.53 27.71
CA LYS B 38 -42.39 27.69 27.10
C LYS B 38 -43.42 28.32 28.02
N HIS B 39 -43.97 27.57 28.96
CA HIS B 39 -44.96 28.11 29.88
C HIS B 39 -44.35 29.22 30.73
N ASP C 1 -39.25 -30.75 13.63
CA ASP C 1 -40.25 -29.78 14.03
C ASP C 1 -40.68 -28.94 12.82
N ARG C 2 -41.95 -28.54 12.81
CA ARG C 2 -42.48 -27.74 11.71
C ARG C 2 -41.62 -26.51 11.46
N LEU C 3 -41.37 -25.73 12.52
CA LEU C 3 -40.45 -24.61 12.39
C LEU C 3 -39.01 -25.07 12.32
N GLY C 4 -38.67 -26.13 13.06
CA GLY C 4 -37.32 -26.68 12.98
C GLY C 4 -36.84 -26.92 11.56
N PHE C 5 -37.75 -27.35 10.68
CA PHE C 5 -37.46 -27.45 9.25
C PHE C 5 -37.72 -26.15 8.47
N VAL C 6 -38.90 -25.54 8.64
CA VAL C 6 -39.27 -24.40 7.81
C VAL C 6 -38.32 -23.22 7.98
N VAL C 7 -37.80 -23.01 9.19
CA VAL C 7 -36.87 -21.91 9.42
C VAL C 7 -35.58 -22.12 8.64
N GLY C 8 -34.99 -23.32 8.73
CA GLY C 8 -33.82 -23.62 7.93
C GLY C 8 -34.07 -23.54 6.43
N VAL C 9 -35.25 -23.99 6.00
CA VAL C 9 -35.60 -23.88 4.58
C VAL C 9 -35.68 -22.42 4.15
N VAL C 10 -36.46 -21.62 4.86
CA VAL C 10 -36.67 -20.23 4.45
C VAL C 10 -35.37 -19.44 4.51
N GLN C 11 -34.53 -19.68 5.53
CA GLN C 11 -33.23 -19.02 5.56
C GLN C 11 -32.31 -19.46 4.42
N THR C 12 -32.33 -20.74 4.05
CA THR C 12 -31.56 -21.18 2.88
C THR C 12 -32.09 -20.54 1.60
N GLY C 13 -33.40 -20.38 1.51
CA GLY C 13 -33.98 -19.69 0.36
C GLY C 13 -33.61 -18.23 0.28
N PHE C 14 -33.60 -17.53 1.42
CA PHE C 14 -33.09 -16.16 1.43
C PHE C 14 -31.62 -16.14 1.03
N HIS C 15 -30.81 -16.95 1.70
CA HIS C 15 -29.37 -16.99 1.50
C HIS C 15 -29.00 -17.13 0.03
N TRP C 16 -29.54 -18.13 -0.66
CA TRP C 16 -29.22 -18.28 -2.08
C TRP C 16 -30.07 -17.41 -3.01
N GLY C 17 -31.28 -17.03 -2.63
CA GLY C 17 -32.19 -16.36 -3.54
C GLY C 17 -32.16 -14.84 -3.55
N PHE C 18 -31.53 -14.20 -2.56
CA PHE C 18 -31.62 -12.75 -2.51
C PHE C 18 -30.98 -12.08 -3.72
N VAL C 19 -29.74 -12.45 -4.06
CA VAL C 19 -29.13 -11.92 -5.27
C VAL C 19 -29.91 -12.39 -6.49
N PRO C 20 -30.32 -13.66 -6.59
CA PRO C 20 -31.29 -14.02 -7.63
C PRO C 20 -32.53 -13.13 -7.65
N LEU C 21 -33.08 -12.80 -6.48
CA LEU C 21 -34.27 -11.95 -6.44
C LEU C 21 -33.99 -10.53 -6.94
N VAL C 22 -32.90 -9.93 -6.48
CA VAL C 22 -32.53 -8.59 -6.96
C VAL C 22 -32.33 -8.61 -8.47
N LEU C 23 -31.59 -9.58 -8.97
CA LEU C 23 -31.39 -9.71 -10.42
C LEU C 23 -32.72 -9.88 -11.15
N TYR C 24 -33.61 -10.73 -10.62
CA TYR C 24 -34.89 -10.94 -11.27
C TYR C 24 -35.71 -9.66 -11.35
N LEU C 25 -35.85 -8.95 -10.23
CA LEU C 25 -36.58 -7.69 -10.26
C LEU C 25 -35.93 -6.66 -11.20
N GLY C 26 -34.60 -6.70 -11.30
CA GLY C 26 -33.90 -5.87 -12.25
C GLY C 26 -34.25 -6.15 -13.70
N PHE C 27 -34.10 -7.41 -14.11
CA PHE C 27 -34.46 -7.77 -15.48
C PHE C 27 -35.96 -7.69 -15.71
N MET C 28 -36.77 -7.78 -14.66
CA MET C 28 -38.19 -7.49 -14.79
C MET C 28 -38.40 -6.06 -15.24
N LYS C 29 -37.77 -5.11 -14.55
CA LYS C 29 -37.87 -3.73 -15.05
C LYS C 29 -37.09 -3.57 -16.34
N GLY C 30 -35.97 -4.27 -16.49
CA GLY C 30 -35.09 -4.09 -17.63
C GLY C 30 -34.37 -2.75 -17.61
N ALA C 31 -33.87 -2.38 -18.78
CA ALA C 31 -33.31 -1.05 -18.96
C ALA C 31 -34.44 -0.02 -18.99
N GLU C 32 -34.06 1.24 -19.21
CA GLU C 32 -35.04 2.26 -19.53
C GLU C 32 -35.75 1.90 -20.83
N PRO C 33 -36.98 2.38 -21.03
CA PRO C 33 -37.75 1.94 -22.21
C PRO C 33 -37.06 2.22 -23.53
N GLY C 34 -36.20 3.22 -23.60
CA GLY C 34 -35.45 3.54 -24.80
C GLY C 34 -34.11 2.85 -24.96
N MET C 35 -33.64 2.15 -23.94
CA MET C 35 -32.31 1.58 -23.96
C MET C 35 -32.33 0.16 -24.53
N PRO C 36 -31.18 -0.33 -24.99
CA PRO C 36 -31.11 -1.71 -25.45
C PRO C 36 -31.41 -2.66 -24.31
N PRO C 37 -31.88 -3.87 -24.62
CA PRO C 37 -32.20 -4.83 -23.56
C PRO C 37 -31.00 -5.14 -22.68
N LEU C 38 -31.30 -5.50 -21.43
CA LEU C 38 -30.31 -6.00 -20.48
C LEU C 38 -30.07 -7.48 -20.76
N ASN C 39 -29.29 -7.75 -21.79
CA ASN C 39 -28.69 -9.07 -21.93
C ASN C 39 -27.81 -9.37 -20.74
N LEU C 40 -27.71 -10.66 -20.39
CA LEU C 40 -26.88 -11.08 -19.27
C LEU C 40 -25.41 -10.71 -19.47
N PHE C 41 -24.97 -10.46 -20.71
CA PHE C 41 -23.65 -9.89 -20.92
C PHE C 41 -23.44 -8.61 -20.14
N SER C 42 -24.51 -7.84 -19.91
CA SER C 42 -24.41 -6.62 -19.11
C SER C 42 -24.16 -6.92 -17.63
N LEU C 43 -24.50 -8.11 -17.17
CA LEU C 43 -24.01 -8.57 -15.86
C LEU C 43 -22.54 -8.93 -15.90
N LEU C 44 -22.05 -9.48 -17.02
CA LEU C 44 -20.70 -10.05 -17.03
C LEU C 44 -19.63 -8.98 -17.24
N TRP C 45 -19.88 -7.96 -18.03
CA TRP C 45 -18.84 -6.96 -18.29
C TRP C 45 -19.48 -5.64 -18.69
N GLN C 46 -18.67 -4.59 -18.65
CA GLN C 46 -19.05 -3.28 -19.14
C GLN C 46 -19.25 -3.30 -20.65
N ALA D 1 28.79 10.83 32.34
CA ALA D 1 27.49 10.41 31.81
C ALA D 1 26.83 11.54 31.03
N THR D 2 27.54 12.68 30.91
CA THR D 2 27.03 13.79 30.12
C THR D 2 26.80 13.38 28.67
N VAL D 3 27.76 12.69 28.08
CA VAL D 3 27.60 12.19 26.71
C VAL D 3 26.41 11.24 26.64
N LYS D 4 26.28 10.34 27.61
CA LYS D 4 25.15 9.42 27.62
C LYS D 4 23.83 10.17 27.78
N SER D 5 23.84 11.25 28.57
CA SER D 5 22.67 12.12 28.66
C SER D 5 22.37 12.82 27.33
N VAL D 6 23.42 13.23 26.61
CA VAL D 6 23.24 13.75 25.26
C VAL D 6 22.73 12.68 24.31
N LYS D 7 23.22 11.44 24.44
CA LYS D 7 22.65 10.34 23.66
C LYS D 7 21.20 10.09 24.05
N GLY D 8 20.86 10.23 25.32
CA GLY D 8 19.48 10.21 25.76
C GLY D 8 18.59 11.25 25.11
N PHE D 9 18.96 12.52 25.27
CA PHE D 9 18.24 13.61 24.61
C PHE D 9 18.20 13.43 23.10
N TYR D 10 19.31 13.02 22.48
CA TYR D 10 19.31 12.81 21.04
C TYR D 10 18.31 11.74 20.63
N SER D 11 18.41 10.55 21.20
CA SER D 11 17.50 9.47 20.83
C SER D 11 16.05 9.83 21.10
N PHE D 12 15.78 10.50 22.22
CA PHE D 12 14.42 10.99 22.48
C PHE D 12 13.99 12.00 21.41
N SER D 13 14.80 13.03 21.17
CA SER D 13 14.43 14.04 20.19
C SER D 13 14.38 13.49 18.78
N CYS D 14 15.21 12.50 18.47
CA CYS D 14 15.08 11.77 17.22
C CYS D 14 13.72 11.10 17.09
N ASN D 15 13.35 10.29 18.09
CA ASN D 15 12.05 9.63 18.11
C ASN D 15 10.89 10.63 18.05
N ALA D 16 10.96 11.70 18.84
CA ALA D 16 9.92 12.72 18.79
C ALA D 16 9.78 13.33 17.40
N SER D 17 10.89 13.59 16.71
CA SER D 17 10.81 14.10 15.34
C SER D 17 10.25 13.05 14.39
N TRP D 18 10.59 11.78 14.60
CA TRP D 18 10.05 10.70 13.79
C TRP D 18 8.52 10.64 13.89
N ILE D 19 7.98 10.59 15.11
CA ILE D 19 6.54 10.57 15.31
C ILE D 19 5.87 11.81 14.73
N PHE D 20 6.45 12.99 14.94
CA PHE D 20 5.89 14.19 14.34
C PHE D 20 5.88 14.14 12.82
N PHE D 21 7.01 13.85 12.19
CA PHE D 21 7.10 13.95 10.73
C PHE D 21 6.34 12.84 10.02
N THR D 22 6.33 11.62 10.56
CA THR D 22 5.45 10.60 9.99
C THR D 22 3.98 10.95 10.12
N SER D 23 3.57 11.47 11.27
CA SER D 23 2.18 11.91 11.45
C SER D 23 1.80 13.02 10.48
N ALA D 24 2.65 14.04 10.32
CA ALA D 24 2.37 15.11 9.36
C ALA D 24 2.28 14.57 7.94
N VAL D 25 3.15 13.63 7.59
CA VAL D 25 3.11 13.02 6.26
C VAL D 25 1.80 12.28 6.00
N ILE D 26 1.18 11.73 7.04
CA ILE D 26 -0.17 11.18 6.89
C ILE D 26 -1.23 12.29 6.90
N LEU D 27 -1.31 13.05 8.01
CA LEU D 27 -2.47 13.89 8.24
C LEU D 27 -2.50 15.12 7.32
N PHE D 28 -1.46 15.94 7.37
CA PHE D 28 -1.40 17.17 6.59
C PHE D 28 -0.85 16.99 5.18
N ALA D 29 0.28 16.30 5.05
CA ALA D 29 1.07 16.41 3.83
C ALA D 29 0.30 16.06 2.55
N PRO D 30 -0.58 15.07 2.53
CA PRO D 30 -1.32 14.80 1.29
C PRO D 30 -2.18 15.99 0.85
N VAL D 31 -2.73 16.72 1.81
CA VAL D 31 -3.47 17.95 1.50
C VAL D 31 -2.52 19.01 0.95
N ILE D 32 -1.38 19.22 1.62
CA ILE D 32 -0.40 20.20 1.15
C ILE D 32 0.06 19.88 -0.27
N PHE D 33 0.42 18.62 -0.53
CA PHE D 33 0.90 18.25 -1.86
C PHE D 33 -0.14 18.56 -2.95
N GLU D 34 -1.38 18.10 -2.77
CA GLU D 34 -2.39 18.35 -3.79
C GLU D 34 -2.82 19.81 -3.85
N THR D 35 -2.91 20.47 -2.69
CA THR D 35 -3.24 21.89 -2.70
C THR D 35 -2.15 22.73 -3.36
N GLU D 36 -0.89 22.43 -3.07
CA GLU D 36 0.22 23.11 -3.76
C GLU D 36 0.17 22.85 -5.26
N ARG D 37 0.04 21.58 -5.66
CA ARG D 37 0.00 21.23 -7.08
C ARG D 37 -1.17 21.89 -7.79
N ALA D 38 -2.33 21.92 -7.14
CA ALA D 38 -3.49 22.62 -7.71
C ALA D 38 -3.25 24.12 -7.80
N GLN D 39 -2.59 24.71 -6.80
CA GLN D 39 -2.27 26.13 -6.87
C GLN D 39 -1.29 26.45 -7.98
N MET D 40 -0.24 25.64 -8.14
CA MET D 40 0.69 25.85 -9.25
C MET D 40 0.02 25.62 -10.60
N GLU D 41 -0.87 24.63 -10.67
CA GLU D 41 -1.67 24.45 -11.88
C GLU D 41 -2.50 25.69 -12.20
N GLU D 42 -3.20 26.24 -11.21
CA GLU D 42 -3.91 27.49 -11.41
C GLU D 42 -2.97 28.63 -11.77
N LEU D 43 -1.80 28.69 -11.16
CA LEU D 43 -0.83 29.72 -11.53
C LEU D 43 -0.40 29.60 -12.98
N HIS D 44 0.03 28.39 -13.38
CA HIS D 44 0.43 28.18 -14.77
C HIS D 44 -0.73 28.40 -15.73
N LYS D 45 -1.94 27.99 -15.34
CA LYS D 45 -3.11 28.27 -16.16
C LYS D 45 -3.38 29.77 -16.25
N SER D 46 -3.20 30.49 -15.15
CA SER D 46 -3.43 31.94 -15.18
C SER D 46 -2.23 32.70 -15.73
N GLN D 47 -1.04 32.12 -15.65
CA GLN D 47 0.14 32.72 -16.26
C GLN D 47 0.05 32.64 -17.79
N ALA E 1 -43.09 25.84 19.22
CA ALA E 1 -43.98 25.25 18.23
C ALA E 1 -43.33 25.23 16.87
N ALA E 2 -43.88 24.41 15.96
CA ALA E 2 -43.33 24.27 14.61
C ALA E 2 -41.86 23.83 14.65
N LEU E 3 -41.56 22.87 15.53
CA LEU E 3 -40.20 22.37 15.62
C LEU E 3 -39.90 21.40 14.47
N GLU E 4 -38.60 21.16 14.27
CA GLU E 4 -38.17 20.10 13.36
C GLU E 4 -38.43 18.74 13.97
N ASN E 5 -38.47 17.72 13.11
CA ASN E 5 -38.22 16.36 13.55
C ASN E 5 -36.73 16.19 13.86
N PRO E 6 -36.37 15.56 14.98
CA PRO E 6 -34.98 15.61 15.43
C PRO E 6 -34.06 14.63 14.73
N GLY E 7 -34.57 13.75 13.89
CA GLY E 7 -33.79 12.64 13.40
C GLY E 7 -34.06 11.36 14.18
N THR E 8 -33.01 10.60 14.46
CA THR E 8 -33.15 9.39 15.26
C THR E 8 -31.89 9.20 16.09
N VAL E 9 -32.02 8.42 17.16
CA VAL E 9 -30.93 8.30 18.13
C VAL E 9 -29.66 7.77 17.46
N GLU E 10 -29.80 6.85 16.51
CA GLU E 10 -28.63 6.37 15.78
C GLU E 10 -27.97 7.46 14.95
N GLU E 11 -28.74 8.42 14.43
CA GLU E 11 -28.14 9.54 13.70
C GLU E 11 -27.43 10.56 14.59
N LEU E 12 -27.74 10.62 15.89
CA LEU E 12 -26.89 11.39 16.80
C LEU E 12 -25.55 10.69 17.05
N HIS E 13 -25.58 9.40 17.38
CA HIS E 13 -24.35 8.67 17.61
C HIS E 13 -23.49 8.59 16.36
N LYS E 14 -24.12 8.52 15.19
CA LYS E 14 -23.40 8.61 13.93
C LYS E 14 -23.02 10.03 13.56
N LYS E 15 -23.50 11.03 14.31
CA LYS E 15 -23.45 12.41 13.83
C LYS E 15 -22.04 12.80 13.41
N CYS E 16 -21.03 12.40 14.18
CA CYS E 16 -19.64 12.71 13.86
C CYS E 16 -18.86 11.51 13.35
N LYS E 17 -19.51 10.37 13.13
CA LYS E 17 -18.86 9.22 12.51
C LYS E 17 -18.80 9.31 10.98
N ASP E 18 -19.48 10.29 10.38
CA ASP E 18 -19.46 10.47 8.94
C ASP E 18 -18.16 11.08 8.45
N ILE E 19 -17.60 12.04 9.19
CA ILE E 19 -16.30 12.61 8.85
C ILE E 19 -15.12 11.76 9.33
N GLN E 20 -15.31 10.88 10.31
CA GLN E 20 -14.24 9.96 10.69
C GLN E 20 -13.89 9.03 9.54
N ALA E 21 -12.60 8.96 9.23
CA ALA E 21 -12.11 8.24 8.04
C ALA E 21 -12.26 6.73 8.22
N ILE E 22 -12.46 6.06 7.09
CA ILE E 22 -12.60 4.60 7.06
C ILE E 22 -11.43 4.02 6.26
N THR E 23 -10.33 3.76 6.95
CA THR E 23 -9.11 3.27 6.33
C THR E 23 -9.28 1.82 5.87
N PHE E 24 -8.55 1.46 4.80
CA PHE E 24 -8.51 0.09 4.31
C PHE E 24 -7.07 -0.26 3.95
N GLU E 25 -6.83 -1.56 3.79
CA GLU E 25 -5.47 -2.09 3.63
C GLU E 25 -5.37 -3.01 2.42
N GLY E 26 -4.30 -2.84 1.66
CA GLY E 26 -4.12 -3.56 0.41
C GLY E 26 -4.77 -2.88 -0.78
N ALA E 27 -4.79 -3.62 -1.88
CA ALA E 27 -5.29 -3.11 -3.14
C ALA E 27 -6.71 -3.61 -3.36
N LYS E 28 -7.62 -2.67 -3.64
CA LYS E 28 -9.03 -2.96 -3.84
C LYS E 28 -9.49 -2.32 -5.14
N ILE E 29 -10.19 -3.09 -5.96
CA ILE E 29 -10.79 -2.59 -7.20
C ILE E 29 -12.30 -2.75 -7.09
N MET E 30 -13.03 -1.74 -7.55
CA MET E 30 -14.48 -1.82 -7.64
C MET E 30 -14.91 -1.31 -9.01
N LEU E 31 -15.76 -2.08 -9.69
CA LEU E 31 -16.41 -1.65 -10.92
C LEU E 31 -17.91 -1.60 -10.68
N ASN E 32 -18.50 -0.44 -10.91
CA ASN E 32 -19.95 -0.24 -10.82
C ASN E 32 -20.52 -0.06 -12.21
N LYS E 33 -21.59 -0.79 -12.53
CA LYS E 33 -22.32 -0.63 -13.76
C LYS E 33 -23.78 -0.34 -13.45
N GLY E 34 -24.26 0.80 -13.92
CA GLY E 34 -25.68 1.12 -13.80
C GLY E 34 -26.49 0.55 -14.94
N LEU E 35 -27.24 -0.52 -14.67
CA LEU E 35 -28.05 -1.14 -15.70
C LEU E 35 -29.37 -0.41 -15.92
N SER E 36 -29.92 0.17 -14.85
CA SER E 36 -31.00 1.14 -14.97
C SER E 36 -31.02 1.93 -13.67
N ASN E 37 -31.78 3.03 -13.68
CA ASN E 37 -31.98 3.78 -12.45
C ASN E 37 -32.66 2.95 -11.37
N HIS E 38 -33.15 1.76 -11.71
CA HIS E 38 -33.69 0.83 -10.74
C HIS E 38 -32.76 -0.34 -10.42
N PHE E 39 -31.66 -0.50 -11.16
CA PHE E 39 -30.89 -1.73 -11.11
C PHE E 39 -29.43 -1.46 -11.41
N GLN E 40 -28.56 -1.77 -10.44
CA GLN E 40 -27.13 -1.48 -10.52
C GLN E 40 -26.36 -2.72 -10.11
N VAL E 41 -25.20 -2.94 -10.75
CA VAL E 41 -24.38 -4.12 -10.50
C VAL E 41 -22.95 -3.68 -10.28
N SER E 42 -22.29 -4.26 -9.28
CA SER E 42 -20.94 -3.85 -8.88
C SER E 42 -20.04 -5.06 -8.65
N HIS E 43 -18.86 -5.03 -9.26
CA HIS E 43 -17.87 -6.09 -9.19
C HIS E 43 -16.67 -5.54 -8.43
N THR E 44 -16.28 -6.19 -7.34
CA THR E 44 -15.22 -5.68 -6.48
C THR E 44 -14.18 -6.76 -6.22
N ILE E 45 -12.92 -6.39 -6.40
CA ILE E 45 -11.77 -7.30 -6.31
C ILE E 45 -10.89 -6.79 -5.19
N ASN E 46 -10.71 -7.59 -4.15
CA ASN E 46 -9.97 -7.18 -2.95
C ASN E 46 -8.71 -8.02 -2.82
N MET E 47 -7.56 -7.37 -2.98
CA MET E 47 -6.25 -8.00 -2.79
C MET E 47 -5.61 -7.34 -1.57
N SER E 48 -5.25 -8.15 -0.57
CA SER E 48 -4.68 -7.61 0.64
C SER E 48 -3.75 -8.62 1.27
N ASN E 49 -2.71 -8.09 1.95
CA ASN E 49 -1.73 -8.94 2.61
C ASN E 49 -2.32 -9.66 3.82
N VAL E 50 -3.27 -9.03 4.52
CA VAL E 50 -3.78 -9.59 5.77
C VAL E 50 -5.30 -9.61 5.79
N VAL E 51 -5.93 -8.66 5.11
CA VAL E 51 -7.38 -8.78 4.93
C VAL E 51 -7.67 -9.95 3.99
N PRO E 52 -8.68 -10.77 4.26
CA PRO E 52 -8.99 -11.87 3.34
C PRO E 52 -9.30 -11.39 1.93
N SER E 53 -8.46 -11.79 0.98
CA SER E 53 -8.59 -11.38 -0.40
C SER E 53 -9.68 -12.19 -1.10
N GLY E 54 -10.31 -11.56 -2.08
CA GLY E 54 -11.28 -12.27 -2.89
C GLY E 54 -12.15 -11.34 -3.70
N TYR E 55 -12.92 -11.96 -4.59
CA TYR E 55 -14.00 -11.30 -5.30
C TYR E 55 -15.24 -11.26 -4.42
N ARG E 56 -16.07 -10.24 -4.62
CA ARG E 56 -17.48 -10.36 -4.31
C ARG E 56 -18.33 -9.59 -5.31
N PHE E 57 -19.53 -10.13 -5.55
CA PHE E 57 -20.45 -9.66 -6.58
C PHE E 57 -21.65 -9.01 -5.92
N GLY E 58 -21.97 -7.79 -6.36
CA GLY E 58 -23.07 -7.05 -5.76
C GLY E 58 -24.07 -6.59 -6.80
N ALA E 59 -25.34 -6.56 -6.37
CA ALA E 59 -26.44 -6.06 -7.17
C ALA E 59 -27.39 -5.28 -6.28
N THR E 60 -28.04 -4.27 -6.86
CA THR E 60 -29.00 -3.44 -6.15
C THR E 60 -30.25 -3.25 -6.99
N TYR E 61 -31.42 -3.44 -6.39
CA TYR E 61 -32.69 -3.08 -6.99
C TYR E 61 -33.38 -2.05 -6.10
N VAL E 62 -34.05 -1.08 -6.73
CA VAL E 62 -34.81 -0.07 -6.02
C VAL E 62 -36.09 0.27 -6.76
N GLY E 63 -37.08 0.75 -6.01
CA GLY E 63 -38.25 1.38 -6.57
C GLY E 63 -39.36 0.45 -7.01
N THR E 64 -40.58 0.73 -6.56
CA THR E 64 -41.78 0.12 -7.12
C THR E 64 -42.91 1.14 -7.14
N LYS E 65 -43.95 0.80 -7.91
CA LYS E 65 -45.08 1.69 -8.16
C LYS E 65 -45.79 2.16 -6.89
N GLU E 66 -45.63 1.44 -5.78
CA GLU E 66 -46.26 1.86 -4.54
C GLU E 66 -45.67 3.14 -3.95
N PHE E 67 -44.40 3.43 -4.23
CA PHE E 67 -43.67 4.44 -3.48
C PHE E 67 -43.39 5.65 -4.37
N SER E 68 -43.92 6.81 -3.97
CA SER E 68 -43.89 8.06 -4.71
C SER E 68 -42.58 8.84 -4.60
N PRO E 69 -41.99 8.97 -3.41
CA PRO E 69 -40.91 9.96 -3.24
C PRO E 69 -39.62 9.54 -3.93
N THR E 70 -38.73 10.52 -4.03
CA THR E 70 -37.41 10.31 -4.63
C THR E 70 -36.56 9.30 -3.87
N GLU E 71 -36.94 8.93 -2.63
CA GLU E 71 -36.28 7.81 -1.98
C GLU E 71 -36.46 6.54 -2.78
N ALA E 72 -37.57 6.44 -3.53
CA ALA E 72 -37.82 5.33 -4.45
C ALA E 72 -37.62 3.97 -3.76
N PHE E 73 -38.25 3.81 -2.60
CA PHE E 73 -38.32 2.52 -1.96
C PHE E 73 -39.17 1.58 -2.82
N PRO E 74 -39.13 0.27 -2.57
CA PRO E 74 -38.23 -0.45 -1.66
C PRO E 74 -36.78 -0.37 -2.12
N VAL E 75 -35.85 -0.75 -1.25
CA VAL E 75 -34.45 -0.93 -1.60
C VAL E 75 -34.07 -2.35 -1.25
N LEU E 76 -33.38 -3.03 -2.17
CA LEU E 76 -33.16 -4.47 -2.09
C LEU E 76 -31.77 -4.73 -2.63
N LEU E 77 -30.80 -4.81 -1.72
CA LEU E 77 -29.40 -4.67 -2.05
C LEU E 77 -28.63 -5.79 -1.38
N GLY E 78 -27.72 -6.41 -2.13
CA GLY E 78 -26.94 -7.50 -1.57
C GLY E 78 -25.75 -7.84 -2.45
N ASP E 79 -24.70 -8.36 -1.83
CA ASP E 79 -23.49 -8.74 -2.55
C ASP E 79 -22.91 -9.99 -1.94
N ILE E 80 -22.41 -10.87 -2.79
CA ILE E 80 -22.05 -12.23 -2.40
C ILE E 80 -20.71 -12.57 -3.02
N ASP E 81 -19.86 -13.23 -2.25
CA ASP E 81 -18.59 -13.75 -2.75
C ASP E 81 -18.75 -15.17 -3.25
N PRO E 82 -17.82 -15.64 -4.08
CA PRO E 82 -17.91 -17.02 -4.58
C PRO E 82 -17.90 -18.07 -3.49
N ALA E 83 -17.48 -17.73 -2.27
CA ALA E 83 -17.59 -18.68 -1.17
C ALA E 83 -19.01 -18.77 -0.63
N GLY E 84 -19.86 -17.80 -0.96
CA GLY E 84 -21.26 -17.83 -0.58
C GLY E 84 -21.62 -17.00 0.62
N ASN E 85 -20.72 -16.15 1.11
CA ASN E 85 -21.03 -15.24 2.20
C ASN E 85 -21.85 -14.08 1.65
N LEU E 86 -23.06 -13.89 2.18
CA LEU E 86 -23.99 -12.89 1.68
C LEU E 86 -24.14 -11.76 2.69
N ASN E 87 -24.01 -10.52 2.20
CA ASN E 87 -24.52 -9.34 2.87
C ASN E 87 -25.71 -8.82 2.09
N ALA E 88 -26.80 -8.50 2.78
CA ALA E 88 -27.97 -7.95 2.11
C ALA E 88 -28.77 -7.06 3.05
N ASN E 89 -29.39 -6.04 2.45
CA ASN E 89 -30.20 -5.05 3.17
C ASN E 89 -31.56 -4.96 2.51
N VAL E 90 -32.60 -4.78 3.32
CA VAL E 90 -33.96 -4.56 2.84
C VAL E 90 -34.53 -3.36 3.58
N ILE E 91 -35.18 -2.46 2.84
CA ILE E 91 -35.76 -1.25 3.40
C ILE E 91 -37.16 -1.07 2.83
N HIS E 92 -38.10 -0.69 3.70
CA HIS E 92 -39.52 -0.70 3.37
C HIS E 92 -40.18 0.47 4.09
N GLN E 93 -41.34 0.88 3.58
CA GLN E 93 -42.09 2.01 4.13
C GLN E 93 -43.54 1.58 4.33
N PHE E 94 -43.84 1.03 5.51
CA PHE E 94 -45.23 0.69 5.82
C PHE E 94 -46.14 1.88 5.65
N SER E 95 -45.62 3.09 5.80
CA SER E 95 -46.29 4.31 5.36
C SER E 95 -45.24 5.37 5.07
N ALA E 96 -45.70 6.57 4.75
CA ALA E 96 -44.78 7.70 4.60
C ALA E 96 -44.03 8.00 5.88
N ARG E 97 -44.62 7.71 7.04
CA ARG E 97 -43.92 7.88 8.32
C ARG E 97 -43.17 6.61 8.71
N LEU E 98 -43.89 5.54 8.98
CA LEU E 98 -43.26 4.32 9.48
C LEU E 98 -42.37 3.72 8.40
N ARG E 99 -41.07 3.66 8.70
CA ARG E 99 -40.05 3.13 7.82
C ARG E 99 -39.37 1.96 8.49
N CYS E 100 -38.93 1.00 7.69
CA CYS E 100 -38.32 -0.22 8.19
C CYS E 100 -37.03 -0.51 7.43
N LYS E 101 -36.00 -0.92 8.16
CA LYS E 101 -34.77 -1.43 7.58
C LYS E 101 -34.53 -2.85 8.08
N PHE E 102 -34.03 -3.69 7.19
CA PHE E 102 -33.55 -5.01 7.55
C PHE E 102 -32.17 -5.23 6.97
N ALA E 103 -31.29 -5.86 7.74
CA ALA E 103 -29.96 -6.22 7.28
C ALA E 103 -29.56 -7.56 7.88
N SER E 104 -28.88 -8.37 7.08
CA SER E 104 -28.37 -9.65 7.53
C SER E 104 -27.02 -9.91 6.86
N GLN E 105 -26.10 -10.46 7.64
CA GLN E 105 -24.81 -10.92 7.13
C GLN E 105 -24.74 -12.42 7.32
N ILE E 106 -24.54 -13.15 6.23
CA ILE E 106 -24.32 -14.59 6.24
C ILE E 106 -22.87 -14.85 5.89
N GLN E 107 -22.18 -15.64 6.71
CA GLN E 107 -20.91 -16.21 6.36
C GLN E 107 -20.79 -17.60 6.97
N GLU E 108 -19.96 -18.43 6.35
CA GLU E 108 -19.87 -19.86 6.69
C GLU E 108 -21.23 -20.54 6.58
N SER E 109 -22.01 -20.13 5.58
CA SER E 109 -23.38 -20.62 5.36
C SER E 109 -24.28 -20.37 6.56
N LYS E 110 -23.94 -19.44 7.44
CA LYS E 110 -24.69 -19.18 8.65
C LYS E 110 -24.96 -17.69 8.76
N VAL E 111 -26.16 -17.34 9.22
CA VAL E 111 -26.46 -15.97 9.61
C VAL E 111 -25.65 -15.64 10.85
N VAL E 112 -24.62 -14.82 10.70
CA VAL E 112 -23.77 -14.47 11.83
C VAL E 112 -24.25 -13.21 12.54
N ALA E 113 -24.88 -12.28 11.83
CA ALA E 113 -25.47 -11.11 12.44
C ALA E 113 -26.64 -10.65 11.60
N SER E 114 -27.69 -10.18 12.29
CA SER E 114 -28.86 -9.63 11.61
C SER E 114 -29.51 -8.62 12.54
N GLN E 115 -30.22 -7.67 11.94
CA GLN E 115 -31.05 -6.76 12.72
C GLN E 115 -32.26 -6.35 11.90
N LEU E 116 -33.34 -6.08 12.61
CA LEU E 116 -34.57 -5.51 12.06
C LEU E 116 -34.88 -4.25 12.83
N THR E 117 -35.14 -3.16 12.11
CA THR E 117 -35.34 -1.85 12.71
C THR E 117 -36.61 -1.23 12.17
N THR E 118 -37.29 -0.49 13.05
CA THR E 118 -38.49 0.27 12.70
C THR E 118 -38.27 1.72 13.11
N ASP E 119 -38.70 2.63 12.25
CA ASP E 119 -38.47 4.05 12.46
C ASP E 119 -39.73 4.83 12.11
N TYR E 120 -40.21 5.62 13.05
CA TYR E 120 -41.48 6.32 12.94
C TYR E 120 -41.25 7.78 13.25
N ARG E 121 -41.93 8.66 12.50
CA ARG E 121 -41.58 10.06 12.46
C ARG E 121 -42.82 10.89 12.73
N GLY E 122 -42.75 11.74 13.74
CA GLY E 122 -43.76 12.74 14.00
C GLY E 122 -43.25 14.13 13.68
N SER E 123 -44.18 15.09 13.70
CA SER E 123 -43.82 16.45 13.34
C SER E 123 -42.73 17.00 14.26
N ASP E 124 -42.74 16.59 15.53
CA ASP E 124 -41.79 17.09 16.51
C ASP E 124 -40.84 16.03 17.08
N TYR E 125 -41.03 14.75 16.77
CA TYR E 125 -40.35 13.72 17.54
C TYR E 125 -40.23 12.45 16.69
N THR E 126 -39.38 11.53 17.17
CA THR E 126 -39.16 10.25 16.52
C THR E 126 -39.20 9.14 17.56
N LEU E 127 -39.71 7.98 17.14
CA LEU E 127 -39.66 6.77 17.95
C LEU E 127 -39.19 5.63 17.07
N SER E 128 -38.32 4.78 17.61
CA SER E 128 -37.81 3.63 16.87
C SER E 128 -37.71 2.42 17.78
N LEU E 129 -37.90 1.25 17.20
CA LEU E 129 -37.71 -0.03 17.87
C LEU E 129 -36.86 -0.92 16.98
N THR E 130 -35.88 -1.60 17.57
CA THR E 130 -35.01 -2.52 16.86
C THR E 130 -35.00 -3.87 17.57
N VAL E 131 -34.90 -4.93 16.78
CA VAL E 131 -34.58 -6.26 17.26
C VAL E 131 -33.40 -6.76 16.45
N ALA E 132 -32.48 -7.47 17.10
CA ALA E 132 -31.26 -7.89 16.43
C ALA E 132 -30.78 -9.23 16.98
N ASN E 133 -30.02 -9.93 16.13
CA ASN E 133 -29.48 -11.26 16.39
C ASN E 133 -30.47 -12.19 17.07
N PRO E 134 -31.73 -12.27 16.64
CA PRO E 134 -32.68 -13.12 17.36
C PRO E 134 -32.30 -14.58 17.20
N SER E 135 -32.44 -15.34 18.27
CA SER E 135 -32.72 -16.77 18.14
C SER E 135 -34.15 -16.98 17.65
N ILE E 136 -34.31 -17.89 16.71
CA ILE E 136 -35.65 -18.22 16.24
C ILE E 136 -36.26 -19.32 17.11
N PHE E 137 -35.44 -20.20 17.66
CA PHE E 137 -35.90 -21.32 18.48
C PHE E 137 -35.96 -20.99 19.96
N THR E 138 -35.32 -19.89 20.38
CA THR E 138 -35.24 -19.53 21.79
C THR E 138 -35.53 -18.04 21.96
N ASN E 139 -35.89 -17.67 23.19
CA ASN E 139 -36.23 -16.29 23.50
C ASN E 139 -35.06 -15.34 23.28
N SER E 140 -33.85 -15.86 23.15
CA SER E 140 -32.65 -15.04 23.19
C SER E 140 -32.55 -14.12 21.96
N GLY E 141 -31.94 -12.97 22.18
CA GLY E 141 -31.80 -11.95 21.15
C GLY E 141 -31.62 -10.57 21.76
N VAL E 142 -31.55 -9.58 20.88
CA VAL E 142 -31.34 -8.19 21.25
C VAL E 142 -32.55 -7.35 20.88
N VAL E 143 -32.89 -6.40 21.74
CA VAL E 143 -33.99 -5.47 21.52
C VAL E 143 -33.51 -4.08 21.94
N VAL E 144 -33.92 -3.05 21.20
CA VAL E 144 -33.59 -1.67 21.54
C VAL E 144 -34.79 -0.78 21.30
N GLY E 145 -35.22 -0.06 22.33
CA GLY E 145 -36.17 1.04 22.19
C GLY E 145 -35.43 2.36 22.21
N GLN E 146 -35.88 3.30 21.37
CA GLN E 146 -35.23 4.60 21.27
C GLN E 146 -36.27 5.69 21.03
N TYR E 147 -36.03 6.85 21.64
CA TYR E 147 -36.96 7.98 21.57
C TYR E 147 -36.15 9.27 21.50
N LEU E 148 -36.65 10.23 20.72
CA LEU E 148 -35.96 11.50 20.54
C LEU E 148 -36.97 12.56 20.17
N GLN E 149 -37.00 13.65 20.93
CA GLN E 149 -37.94 14.73 20.71
C GLN E 149 -37.19 16.05 20.59
N SER E 150 -37.57 16.86 19.61
CA SER E 150 -37.16 18.25 19.59
C SER E 150 -37.81 19.04 20.72
N VAL E 151 -37.00 19.75 21.50
CA VAL E 151 -37.48 20.50 22.63
C VAL E 151 -37.42 22.01 22.36
N THR E 152 -36.41 22.47 21.61
CA THR E 152 -36.31 23.84 21.14
C THR E 152 -35.63 23.78 19.78
N PRO E 153 -35.86 24.76 18.91
CA PRO E 153 -35.33 24.64 17.54
C PRO E 153 -33.82 24.47 17.48
N ALA E 154 -33.10 24.81 18.55
CA ALA E 154 -31.66 24.55 18.65
C ALA E 154 -31.33 23.42 19.61
N LEU E 155 -32.31 22.72 20.16
CA LEU E 155 -32.07 21.70 21.18
C LEU E 155 -33.02 20.54 21.00
N ALA E 156 -32.49 19.32 21.10
CA ALA E 156 -33.30 18.11 21.13
C ALA E 156 -32.87 17.22 22.29
N LEU E 157 -33.85 16.51 22.86
CA LEU E 157 -33.61 15.59 23.97
C LEU E 157 -34.38 14.31 23.71
N GLY E 158 -33.90 13.22 24.29
CA GLY E 158 -34.48 11.92 23.98
C GLY E 158 -34.06 10.87 24.97
N SER E 159 -34.23 9.62 24.57
CA SER E 159 -34.00 8.50 25.46
C SER E 159 -33.74 7.25 24.65
N GLU E 160 -33.15 6.25 25.30
CA GLU E 160 -32.82 4.99 24.67
C GLU E 160 -32.86 3.90 25.73
N LEU E 161 -33.33 2.71 25.34
CA LEU E 161 -33.26 1.52 26.20
C LEU E 161 -32.88 0.33 25.34
N ALA E 162 -31.62 -0.05 25.36
CA ALA E 162 -31.20 -1.33 24.80
C ALA E 162 -31.50 -2.47 25.79
N TYR E 163 -31.75 -3.65 25.23
CA TYR E 163 -32.10 -4.82 26.02
C TYR E 163 -31.51 -6.05 25.34
N GLN E 164 -31.14 -7.05 26.14
CA GLN E 164 -30.71 -8.34 25.63
C GLN E 164 -31.21 -9.44 26.56
N PHE E 165 -31.49 -10.60 25.97
CA PHE E 165 -31.85 -11.80 26.73
C PHE E 165 -31.00 -12.99 26.29
N GLY E 166 -30.65 -13.83 27.27
CA GLY E 166 -30.11 -15.14 26.98
C GLY E 166 -28.62 -15.30 27.25
N PRO E 167 -28.08 -16.45 26.85
CA PRO E 167 -26.72 -16.84 27.29
C PRO E 167 -25.63 -15.87 26.89
N ASN E 168 -25.83 -15.06 25.86
CA ASN E 168 -24.85 -14.04 25.51
C ASN E 168 -24.80 -12.91 26.52
N VAL E 169 -25.81 -12.80 27.38
CA VAL E 169 -25.90 -11.72 28.36
C VAL E 169 -25.50 -12.29 29.72
N PRO E 170 -24.67 -11.59 30.51
CA PRO E 170 -24.22 -12.18 31.77
C PRO E 170 -25.36 -12.36 32.76
N GLY E 171 -26.23 -11.36 32.90
CA GLY E 171 -27.52 -11.59 33.51
C GLY E 171 -28.53 -12.10 32.48
N ARG E 172 -29.46 -12.93 32.96
CA ARG E 172 -30.40 -13.58 32.05
C ARG E 172 -31.12 -12.56 31.17
N GLN E 173 -31.43 -11.38 31.73
CA GLN E 173 -31.76 -10.21 30.93
C GLN E 173 -31.00 -9.01 31.48
N ILE E 174 -30.61 -8.11 30.57
CA ILE E 174 -30.04 -6.83 30.95
C ILE E 174 -30.59 -5.74 30.03
N ALA E 175 -30.72 -4.53 30.57
CA ALA E 175 -31.11 -3.36 29.80
C ALA E 175 -30.36 -2.15 30.33
N ILE E 176 -30.15 -1.16 29.47
CA ILE E 176 -29.50 0.09 29.86
C ILE E 176 -30.29 1.27 29.30
N MET E 177 -31.01 1.97 30.18
CA MET E 177 -31.52 3.28 29.87
C MET E 177 -30.37 4.27 29.66
N SER E 178 -30.54 5.17 28.70
CA SER E 178 -29.56 6.24 28.53
C SER E 178 -30.21 7.47 27.93
N VAL E 179 -30.08 8.60 28.61
CA VAL E 179 -30.52 9.88 28.06
C VAL E 179 -29.70 10.22 26.82
N VAL E 180 -30.28 11.04 25.95
CA VAL E 180 -29.62 11.54 24.76
C VAL E 180 -30.04 12.98 24.54
N GLY E 181 -29.14 13.76 23.95
CA GLY E 181 -29.49 15.13 23.57
C GLY E 181 -28.57 15.65 22.50
N ARG E 182 -29.00 16.75 21.87
CA ARG E 182 -28.20 17.47 20.90
C ARG E 182 -28.47 18.96 21.06
N TYR E 183 -27.41 19.77 21.00
CA TYR E 183 -27.55 21.22 21.03
C TYR E 183 -26.77 21.83 19.88
N THR E 184 -27.44 22.68 19.11
CA THR E 184 -26.93 23.11 17.81
C THR E 184 -26.02 24.32 17.92
N ALA E 185 -26.42 25.34 18.68
CA ALA E 185 -25.61 26.54 18.88
C ALA E 185 -25.10 27.09 17.54
N GLY E 186 -25.93 26.97 16.50
CA GLY E 186 -25.50 27.27 15.15
C GLY E 186 -24.63 26.20 14.54
N SER E 187 -23.35 26.51 14.34
CA SER E 187 -22.41 25.53 13.79
C SER E 187 -22.06 24.47 14.82
N SER E 188 -21.91 24.87 16.08
CA SER E 188 -21.24 24.07 17.09
C SER E 188 -22.17 22.99 17.65
N VAL E 189 -22.55 22.06 16.77
CA VAL E 189 -23.49 21.01 17.16
C VAL E 189 -22.83 20.13 18.22
N TRP E 190 -23.25 20.28 19.47
CA TRP E 190 -22.94 19.31 20.50
C TRP E 190 -23.90 18.13 20.41
N SER E 191 -23.39 16.94 20.72
CA SER E 191 -24.23 15.76 20.86
C SER E 191 -23.64 14.86 21.92
N GLY E 192 -24.48 14.04 22.55
CA GLY E 192 -23.95 13.01 23.42
C GLY E 192 -25.08 12.24 24.09
N THR E 193 -24.67 11.20 24.82
CA THR E 193 -25.58 10.34 25.55
C THR E 193 -24.96 10.00 26.89
N LEU E 194 -25.78 9.98 27.93
CA LEU E 194 -25.33 9.59 29.27
C LEU E 194 -26.08 8.33 29.68
N GLY E 195 -25.35 7.25 29.88
CA GLY E 195 -25.95 5.99 30.26
C GLY E 195 -25.92 5.76 31.76
N GLN E 196 -26.70 4.78 32.19
CA GLN E 196 -26.44 4.17 33.49
C GLN E 196 -25.07 3.52 33.52
N SER E 197 -24.56 3.10 32.37
CA SER E 197 -23.14 2.85 32.17
C SER E 197 -22.69 3.44 30.84
N GLY E 198 -21.57 4.15 30.86
CA GLY E 198 -20.97 4.66 29.65
C GLY E 198 -21.44 6.07 29.28
N LEU E 199 -20.61 6.74 28.48
CA LEU E 199 -20.88 8.09 28.03
C LEU E 199 -20.25 8.26 26.65
N HIS E 200 -20.94 8.98 25.79
CA HIS E 200 -20.38 9.34 24.49
C HIS E 200 -20.80 10.77 24.16
N VAL E 201 -19.87 11.54 23.60
CA VAL E 201 -20.10 12.93 23.25
C VAL E 201 -19.39 13.23 21.94
N CYS E 202 -20.14 13.58 20.91
CA CYS E 202 -19.54 14.19 19.74
C CYS E 202 -19.42 15.69 20.02
N TYR E 203 -18.38 16.28 19.45
CA TYR E 203 -18.41 17.69 19.09
C TYR E 203 -18.26 17.75 17.57
N TYR E 204 -19.03 18.61 16.93
CA TYR E 204 -18.92 18.75 15.49
C TYR E 204 -18.95 20.22 15.14
N GLN E 205 -18.13 20.59 14.15
CA GLN E 205 -17.89 21.99 13.83
C GLN E 205 -17.65 22.07 12.32
N LYS E 206 -18.69 22.43 11.57
CA LYS E 206 -18.48 22.83 10.18
C LYS E 206 -17.80 24.20 10.16
N ALA E 207 -16.56 24.23 9.68
CA ALA E 207 -15.88 25.50 9.48
C ALA E 207 -16.32 26.15 8.18
N SER E 208 -16.30 25.40 7.09
CA SER E 208 -16.83 25.83 5.81
C SER E 208 -17.11 24.59 4.97
N ASP E 209 -17.72 24.81 3.82
CA ASP E 209 -17.88 23.73 2.85
C ASP E 209 -16.57 23.00 2.56
N GLN E 210 -15.44 23.66 2.75
CA GLN E 210 -14.13 23.04 2.53
C GLN E 210 -13.54 22.33 3.74
N LEU E 211 -14.12 22.50 4.93
CA LEU E 211 -13.45 22.02 6.14
C LEU E 211 -14.48 21.74 7.22
N GLN E 212 -14.48 20.49 7.71
CA GLN E 212 -15.39 20.07 8.77
C GLN E 212 -14.57 19.37 9.83
N ILE E 213 -14.81 19.71 11.09
CA ILE E 213 -14.03 19.21 12.21
C ILE E 213 -14.98 18.65 13.25
N GLY E 214 -14.60 17.54 13.88
CA GLY E 214 -15.35 17.03 15.00
C GLY E 214 -14.43 16.36 15.99
N ALA E 215 -14.99 16.03 17.15
CA ALA E 215 -14.27 15.30 18.18
C ALA E 215 -15.23 14.33 18.87
N GLU E 216 -14.65 13.31 19.49
CA GLU E 216 -15.41 12.33 20.25
C GLU E 216 -14.74 12.10 21.60
N VAL E 217 -15.53 11.69 22.58
CA VAL E 217 -15.04 10.87 23.67
C VAL E 217 -16.00 9.71 23.86
N GLU E 218 -15.45 8.57 24.26
CA GLU E 218 -16.23 7.43 24.70
C GLU E 218 -15.75 7.02 26.09
N THR E 219 -16.65 6.47 26.89
CA THR E 219 -16.29 5.99 28.21
C THR E 219 -17.24 4.86 28.59
N SER E 220 -16.73 3.95 29.43
CA SER E 220 -17.51 2.83 29.93
C SER E 220 -17.25 2.66 31.41
N LEU E 221 -18.32 2.46 32.19
CA LEU E 221 -18.24 2.55 33.63
C LEU E 221 -18.13 1.18 34.31
N ARG E 222 -18.53 0.12 33.62
CA ARG E 222 -18.30 -1.25 34.08
C ARG E 222 -17.13 -1.91 33.38
N MET E 223 -16.76 -1.43 32.20
CA MET E 223 -15.63 -1.98 31.45
C MET E 223 -14.33 -1.23 31.71
N GLN E 224 -14.39 -0.02 32.28
CA GLN E 224 -13.20 0.75 32.59
C GLN E 224 -12.31 0.96 31.38
N GLU E 225 -12.92 1.28 30.23
CA GLU E 225 -12.17 1.57 29.03
C GLU E 225 -12.76 2.81 28.37
N SER E 226 -11.89 3.68 27.87
CA SER E 226 -12.31 4.94 27.29
C SER E 226 -11.36 5.32 26.17
N VAL E 227 -11.90 5.97 25.15
CA VAL E 227 -11.13 6.45 24.01
C VAL E 227 -11.70 7.78 23.56
N ALA E 228 -10.96 8.45 22.68
CA ALA E 228 -11.44 9.67 22.06
C ALA E 228 -10.81 9.79 20.69
N THR E 229 -11.44 10.59 19.82
CA THR E 229 -10.83 10.91 18.55
C THR E 229 -11.07 12.37 18.22
N LEU E 230 -10.11 12.96 17.51
CA LEU E 230 -10.26 14.23 16.83
C LEU E 230 -10.12 13.95 15.34
N ALA E 231 -11.14 14.30 14.56
CA ALA E 231 -11.18 13.94 13.16
C ALA E 231 -11.65 15.14 12.37
N TYR E 232 -11.18 15.22 11.12
CA TYR E 232 -11.56 16.30 10.23
C TYR E 232 -11.78 15.73 8.83
N GLN E 233 -12.49 16.50 8.02
CA GLN E 233 -12.66 16.21 6.61
C GLN E 233 -12.37 17.47 5.81
N ILE E 234 -11.66 17.31 4.69
CA ILE E 234 -11.50 18.35 3.70
C ILE E 234 -12.24 17.94 2.44
N ASP E 235 -13.06 18.86 1.92
CA ASP E 235 -13.71 18.71 0.63
C ASP E 235 -13.19 19.79 -0.31
N LEU E 236 -12.57 19.38 -1.41
CA LEU E 236 -11.95 20.32 -2.36
C LEU E 236 -12.38 19.97 -3.77
N PRO E 237 -13.59 20.36 -4.18
CA PRO E 237 -13.98 20.19 -5.58
C PRO E 237 -13.11 20.98 -6.54
N LYS E 238 -12.47 22.05 -6.07
CA LYS E 238 -11.43 22.70 -6.84
C LYS E 238 -10.26 21.76 -7.15
N ALA E 239 -10.12 20.68 -6.39
CA ALA E 239 -9.01 19.75 -6.55
C ALA E 239 -9.46 18.31 -6.77
N ASN E 240 -10.74 18.08 -7.03
CA ASN E 240 -11.29 16.74 -7.16
C ASN E 240 -10.82 15.85 -6.02
N LEU E 241 -10.90 16.38 -4.80
CA LEU E 241 -10.20 15.82 -3.66
C LEU E 241 -11.11 15.83 -2.45
N VAL E 242 -11.10 14.73 -1.69
CA VAL E 242 -11.59 14.69 -0.33
C VAL E 242 -10.53 14.03 0.53
N PHE E 243 -10.35 14.52 1.75
CA PHE E 243 -9.44 13.91 2.71
C PHE E 243 -10.13 13.80 4.05
N ARG E 244 -10.06 12.62 4.67
CA ARG E 244 -10.48 12.41 6.04
C ARG E 244 -9.31 11.89 6.84
N GLY E 245 -8.96 12.59 7.91
CA GLY E 245 -7.86 12.17 8.76
C GLY E 245 -8.06 12.66 10.18
N GLY E 246 -7.63 11.84 11.14
CA GLY E 246 -7.91 12.13 12.53
C GLY E 246 -6.88 11.48 13.42
N ILE E 247 -6.66 12.09 14.58
CA ILE E 247 -5.88 11.50 15.66
C ILE E 247 -6.79 10.69 16.57
N ASP E 248 -6.30 9.52 16.97
CA ASP E 248 -6.94 8.68 17.97
C ASP E 248 -6.24 8.86 19.31
N SER E 249 -7.03 8.95 20.38
CA SER E 249 -6.48 9.02 21.73
C SER E 249 -5.79 7.74 22.16
N ASN E 250 -5.81 6.68 21.34
CA ASN E 250 -4.87 5.57 21.49
C ASN E 250 -3.69 5.72 20.53
N TRP E 251 -3.53 6.91 19.96
CA TRP E 251 -2.40 7.31 19.13
C TRP E 251 -2.27 6.53 17.83
N GLN E 252 -3.32 5.87 17.36
CA GLN E 252 -3.44 5.67 15.92
C GLN E 252 -3.64 7.02 15.25
N ILE E 253 -3.04 7.19 14.08
CA ILE E 253 -3.30 8.35 13.24
C ILE E 253 -3.65 7.82 11.86
N PHE E 254 -4.73 8.32 11.29
CA PHE E 254 -5.23 7.80 10.03
C PHE E 254 -5.53 8.95 9.07
N GLY E 255 -5.39 8.66 7.80
CA GLY E 255 -5.75 9.55 6.73
C GLY E 255 -6.22 8.71 5.56
N VAL E 256 -7.34 9.05 4.94
CA VAL E 256 -7.79 8.33 3.76
C VAL E 256 -8.01 9.38 2.66
N LEU E 257 -7.00 9.52 1.81
CA LEU E 257 -7.08 10.36 0.64
C LEU E 257 -7.96 9.67 -0.39
N GLU E 258 -8.84 10.41 -1.04
CA GLU E 258 -9.40 9.93 -2.29
C GLU E 258 -9.43 11.03 -3.33
N LYS E 259 -9.04 10.65 -4.55
CA LYS E 259 -9.01 11.52 -5.71
C LYS E 259 -10.03 11.01 -6.72
N ARG E 260 -10.88 11.89 -7.22
CA ARG E 260 -11.53 11.63 -8.50
C ARG E 260 -10.56 12.00 -9.62
N LEU E 261 -10.34 11.06 -10.54
CA LEU E 261 -9.22 11.19 -11.46
C LEU E 261 -9.55 12.04 -12.68
N ALA E 262 -10.83 12.26 -12.96
CA ALA E 262 -11.23 12.94 -14.16
C ALA E 262 -12.73 13.23 -14.10
N PRO E 263 -13.30 13.95 -15.06
CA PRO E 263 -14.73 13.77 -15.32
C PRO E 263 -15.08 12.33 -15.62
N LEU E 264 -14.15 11.59 -16.21
CA LEU E 264 -14.27 10.14 -16.35
C LEU E 264 -14.25 9.49 -14.97
N PRO E 265 -15.28 8.71 -14.61
CA PRO E 265 -15.65 8.58 -13.20
C PRO E 265 -14.82 7.57 -12.43
N PHE E 266 -13.50 7.60 -12.63
CA PHE E 266 -12.59 6.89 -11.74
C PHE E 266 -12.38 7.71 -10.47
N THR E 267 -12.25 7.01 -9.34
CA THR E 267 -11.66 7.60 -8.14
C THR E 267 -10.56 6.69 -7.60
N LEU E 268 -9.49 7.30 -7.12
CA LEU E 268 -8.38 6.60 -6.49
C LEU E 268 -8.38 6.95 -5.00
N ALA E 269 -8.44 5.93 -4.15
CA ALA E 269 -8.36 6.11 -2.70
C ALA E 269 -7.01 5.62 -2.19
N LEU E 270 -6.36 6.44 -1.38
CA LEU E 270 -5.14 6.07 -0.67
C LEU E 270 -5.43 6.11 0.83
N SER E 271 -5.18 5.00 1.51
CA SER E 271 -5.51 4.86 2.92
C SER E 271 -4.25 4.61 3.72
N GLY E 272 -3.95 5.52 4.65
CA GLY E 272 -2.84 5.32 5.57
C GLY E 272 -3.28 5.34 7.01
N ARG E 273 -2.93 4.29 7.75
CA ARG E 273 -3.06 4.24 9.20
C ARG E 273 -1.71 3.95 9.81
N MET E 274 -1.24 4.84 10.69
CA MET E 274 -0.06 4.55 11.51
C MET E 274 -0.50 4.33 12.95
N ASN E 275 -0.15 3.18 13.49
CA ASN E 275 -0.25 2.91 14.92
C ASN E 275 1.05 3.35 15.58
N HIS E 276 1.06 4.58 16.11
CA HIS E 276 2.28 5.08 16.76
C HIS E 276 2.58 4.37 18.07
N VAL E 277 1.64 3.61 18.63
CA VAL E 277 1.97 2.76 19.77
C VAL E 277 2.90 1.64 19.34
N LYS E 278 2.67 1.07 18.17
CA LYS E 278 3.43 -0.07 17.67
C LYS E 278 4.40 0.32 16.57
N ASN E 279 4.51 1.60 16.25
CA ASN E 279 5.29 2.05 15.10
C ASN E 279 4.91 1.30 13.82
N ASN E 280 3.64 0.93 13.71
CA ASN E 280 3.16 0.07 12.63
C ASN E 280 2.35 0.92 11.66
N PHE E 281 2.56 0.70 10.36
CA PHE E 281 1.86 1.44 9.32
C PHE E 281 1.23 0.46 8.34
N ARG E 282 -0.04 0.70 8.00
CA ARG E 282 -0.79 -0.15 7.07
C ARG E 282 -1.27 0.70 5.91
N LEU E 283 -0.81 0.36 4.71
CA LEU E 283 -1.15 1.11 3.51
C LEU E 283 -2.24 0.39 2.74
N GLY E 284 -3.17 1.16 2.19
CA GLY E 284 -4.05 0.63 1.16
C GLY E 284 -4.20 1.63 0.02
N CYS E 285 -4.50 1.08 -1.15
CA CYS E 285 -4.83 1.86 -2.33
C CYS E 285 -5.93 1.14 -3.09
N GLY E 286 -6.79 1.90 -3.75
CA GLY E 286 -7.85 1.26 -4.50
C GLY E 286 -8.56 2.17 -5.48
N LEU E 287 -9.11 1.56 -6.53
CA LEU E 287 -9.75 2.27 -7.62
C LEU E 287 -11.24 1.95 -7.62
N MET E 288 -12.07 2.97 -7.64
CA MET E 288 -13.51 2.81 -7.86
C MET E 288 -13.86 3.41 -9.21
N ILE E 289 -14.60 2.63 -10.01
CA ILE E 289 -15.03 3.05 -11.35
C ILE E 289 -16.54 3.17 -11.33
N GLY E 290 -17.05 4.35 -11.67
CA GLY E 290 -18.48 4.60 -11.64
C GLY E 290 -19.16 4.17 -12.91
N PRO F 1 1.72 -40.08 -22.49
CA PRO F 1 3.04 -39.80 -21.91
C PRO F 1 2.97 -39.14 -20.54
N LEU F 2 1.77 -39.12 -19.94
CA LEU F 2 1.63 -38.55 -18.59
C LEU F 2 2.48 -39.29 -17.58
N SER F 3 2.73 -40.59 -17.81
CA SER F 3 3.69 -41.32 -16.99
C SER F 3 5.11 -40.78 -17.16
N ILE F 4 5.41 -40.22 -18.33
CA ILE F 4 6.72 -39.61 -18.56
C ILE F 4 6.75 -38.17 -18.04
N VAL F 5 5.83 -37.34 -18.52
CA VAL F 5 5.91 -35.91 -18.24
C VAL F 5 5.68 -35.62 -16.75
N ARG F 6 4.80 -36.38 -16.11
CA ARG F 6 4.62 -36.20 -14.67
C ARG F 6 5.90 -36.51 -13.89
N SER F 7 6.72 -37.44 -14.39
CA SER F 7 8.00 -37.71 -13.74
C SER F 7 8.93 -36.49 -13.78
N ILE F 8 8.74 -35.57 -14.73
CA ILE F 8 9.42 -34.29 -14.69
C ILE F 8 8.72 -33.33 -13.73
N TYR F 9 7.42 -33.14 -13.92
CA TYR F 9 6.64 -32.21 -13.10
C TYR F 9 6.79 -32.52 -11.62
N ASN F 10 6.92 -33.80 -11.27
CA ASN F 10 7.10 -34.19 -9.87
C ASN F 10 8.45 -33.81 -9.31
N ASN F 11 9.43 -33.48 -10.14
CA ASN F 11 10.82 -33.30 -9.70
C ASN F 11 11.24 -31.84 -9.84
N GLU F 12 11.67 -31.26 -8.72
CA GLU F 12 11.68 -29.81 -8.56
C GLU F 12 12.55 -29.12 -9.60
N PHE F 13 13.82 -29.53 -9.69
CA PHE F 13 14.76 -28.87 -10.59
C PHE F 13 14.36 -29.08 -12.06
N GLN F 14 14.00 -30.31 -12.41
CA GLN F 14 13.60 -30.59 -13.78
C GLN F 14 12.36 -29.77 -14.16
N TRP F 15 11.41 -29.63 -13.23
CA TRP F 15 10.26 -28.77 -13.46
C TRP F 15 10.63 -27.29 -13.44
N MET F 16 11.51 -26.89 -12.52
CA MET F 16 12.01 -25.52 -12.53
C MET F 16 12.66 -25.18 -13.87
N LEU F 17 13.44 -26.11 -14.42
CA LEU F 17 14.01 -25.92 -15.75
C LEU F 17 12.92 -25.78 -16.81
N VAL F 18 11.98 -26.71 -16.85
CA VAL F 18 10.91 -26.66 -17.85
C VAL F 18 10.13 -25.36 -17.75
N LYS F 19 9.75 -24.97 -16.54
CA LYS F 19 9.07 -23.69 -16.35
C LYS F 19 9.92 -22.53 -16.87
N SER F 20 11.19 -22.49 -16.47
CA SER F 20 12.02 -21.34 -16.78
C SER F 20 12.33 -21.22 -18.27
N TYR F 21 12.74 -22.32 -18.90
CA TYR F 21 12.92 -22.33 -20.34
C TYR F 21 11.61 -22.18 -21.11
N GLY F 22 10.51 -22.69 -20.57
CA GLY F 22 9.21 -22.47 -21.19
C GLY F 22 8.80 -21.02 -21.28
N LEU F 23 8.71 -20.37 -20.12
CA LEU F 23 8.35 -18.95 -20.07
C LEU F 23 9.36 -18.09 -20.84
N PHE F 24 10.63 -18.45 -20.79
CA PHE F 24 11.64 -17.76 -21.59
C PHE F 24 11.32 -17.81 -23.08
N PHE F 25 11.15 -19.01 -23.63
CA PHE F 25 10.85 -19.10 -25.06
C PHE F 25 9.48 -18.52 -25.41
N LEU F 26 8.51 -18.63 -24.50
CA LEU F 26 7.25 -17.92 -24.70
C LEU F 26 7.49 -16.42 -24.82
N GLY F 27 8.35 -15.87 -23.96
CA GLY F 27 8.77 -14.49 -24.10
C GLY F 27 9.44 -14.19 -25.43
N VAL F 28 10.23 -15.13 -25.94
CA VAL F 28 10.84 -14.96 -27.25
C VAL F 28 9.78 -14.94 -28.34
N ARG F 29 8.82 -15.87 -28.29
CA ARG F 29 7.74 -15.86 -29.27
C ARG F 29 6.93 -14.57 -29.18
N LEU F 30 6.49 -14.21 -27.97
CA LEU F 30 5.76 -12.96 -27.79
C LEU F 30 6.55 -11.74 -28.28
N ALA F 31 7.80 -11.63 -27.83
CA ALA F 31 8.61 -10.47 -28.20
C ALA F 31 8.76 -10.34 -29.72
N LYS F 32 9.05 -11.46 -30.40
CA LYS F 32 9.15 -11.42 -31.85
C LYS F 32 7.83 -11.08 -32.54
N GLU F 33 6.72 -11.19 -31.83
CA GLU F 33 5.44 -10.70 -32.33
C GLU F 33 5.16 -9.25 -31.96
N PHE F 34 5.58 -8.82 -30.76
CA PHE F 34 5.33 -7.47 -30.28
C PHE F 34 6.12 -6.39 -31.02
N VAL F 35 7.07 -6.77 -31.88
CA VAL F 35 8.04 -5.80 -32.37
C VAL F 35 7.38 -4.58 -33.01
N GLY F 36 6.19 -4.75 -33.59
CA GLY F 36 5.47 -3.65 -34.20
C GLY F 36 4.52 -2.89 -33.32
N VAL F 37 4.42 -3.21 -32.04
CA VAL F 37 3.31 -2.73 -31.21
C VAL F 37 3.59 -1.33 -30.69
N GLU F 38 2.54 -0.51 -30.66
CA GLU F 38 2.52 0.78 -29.99
C GLU F 38 1.25 0.85 -29.16
N LEU F 39 1.30 1.61 -28.08
CA LEU F 39 0.18 1.66 -27.12
C LEU F 39 -0.59 2.96 -27.14
N MET F 40 0.08 4.10 -27.26
CA MET F 40 -0.58 5.39 -27.50
C MET F 40 0.04 6.03 -28.73
N PRO F 41 -0.33 5.57 -29.93
CA PRO F 41 0.54 5.77 -31.09
C PRO F 41 0.65 7.24 -31.46
N SER F 42 1.75 7.56 -32.15
CA SER F 42 2.01 8.94 -32.54
C SER F 42 0.97 9.43 -33.54
N SER G 1 46.31 -42.07 10.50
CA SER G 1 47.62 -42.19 9.88
C SER G 1 47.85 -41.08 8.84
N GLN G 2 46.75 -40.62 8.23
CA GLN G 2 46.86 -39.56 7.24
C GLN G 2 47.28 -38.26 7.91
N PRO G 3 48.20 -37.50 7.29
CA PRO G 3 48.39 -36.12 7.75
C PRO G 3 47.28 -35.19 7.32
N ASP G 4 46.74 -35.38 6.11
CA ASP G 4 45.76 -34.47 5.55
C ASP G 4 45.09 -35.12 4.34
N PRO G 5 43.76 -35.06 4.20
CA PRO G 5 43.15 -35.36 2.90
C PRO G 5 43.44 -34.29 1.85
N ALA G 6 44.72 -34.06 1.58
CA ALA G 6 45.13 -32.92 0.77
C ALA G 6 44.74 -33.09 -0.70
N GLU G 7 44.60 -34.33 -1.15
CA GLU G 7 44.50 -34.61 -2.59
C GLU G 7 43.29 -33.92 -3.21
N GLU G 8 42.12 -34.04 -2.58
CA GLU G 8 40.95 -33.33 -3.07
C GLU G 8 41.17 -31.82 -3.06
N GLN G 9 41.80 -31.30 -2.01
CA GLN G 9 42.05 -29.87 -1.91
C GLN G 9 43.02 -29.37 -2.98
N LYS G 10 44.10 -30.12 -3.22
CA LYS G 10 45.05 -29.77 -4.26
C LYS G 10 44.50 -29.97 -5.68
N ARG G 11 43.64 -30.98 -5.87
CA ARG G 11 42.95 -31.11 -7.15
C ARG G 11 42.01 -29.93 -7.42
N VAL G 12 41.32 -29.44 -6.39
CA VAL G 12 40.56 -28.20 -6.55
C VAL G 12 41.47 -27.04 -6.92
N ALA G 13 42.63 -26.94 -6.26
CA ALA G 13 43.61 -25.93 -6.65
C ALA G 13 44.09 -26.12 -8.10
N ALA G 14 44.30 -27.37 -8.51
CA ALA G 14 44.68 -27.64 -9.89
C ALA G 14 43.61 -27.20 -10.88
N GLU G 15 42.34 -27.47 -10.58
CA GLU G 15 41.26 -26.95 -11.41
C GLU G 15 41.15 -25.42 -11.36
N VAL G 16 41.49 -24.80 -10.25
CA VAL G 16 41.51 -23.34 -10.20
C VAL G 16 42.54 -22.77 -11.18
N ARG G 17 43.77 -23.27 -11.15
CA ARG G 17 44.74 -22.86 -12.17
C ARG G 17 44.30 -23.27 -13.57
N PHE G 18 43.60 -24.40 -13.70
CA PHE G 18 43.03 -24.77 -14.99
C PHE G 18 42.00 -23.76 -15.47
N ASN G 19 41.18 -23.23 -14.56
CA ASN G 19 40.27 -22.15 -14.89
C ASN G 19 41.02 -20.88 -15.31
N PHE G 20 42.13 -20.56 -14.64
CA PHE G 20 42.94 -19.42 -15.04
C PHE G 20 43.48 -19.55 -16.46
N ILE G 21 44.10 -20.69 -16.77
CA ILE G 21 44.65 -20.86 -18.12
C ILE G 21 43.54 -20.90 -19.17
N LEU G 22 42.39 -21.48 -18.83
CA LEU G 22 41.24 -21.44 -19.74
C LEU G 22 40.73 -20.02 -19.94
N PHE G 23 40.65 -19.23 -18.86
CA PHE G 23 40.30 -17.82 -18.98
C PHE G 23 41.27 -17.08 -19.90
N GLY G 24 42.57 -17.30 -19.72
CA GLY G 24 43.55 -16.72 -20.61
C GLY G 24 43.40 -17.21 -22.04
N ALA G 25 43.22 -18.52 -22.21
CA ALA G 25 43.08 -19.10 -23.54
C ALA G 25 41.87 -18.56 -24.31
N VAL G 26 40.73 -18.38 -23.64
CA VAL G 26 39.59 -17.79 -24.31
C VAL G 26 39.84 -16.32 -24.68
N ILE G 27 40.55 -15.58 -23.83
CA ILE G 27 40.95 -14.22 -24.22
C ILE G 27 41.90 -14.26 -25.41
N ALA G 28 42.89 -15.16 -25.37
CA ALA G 28 43.76 -15.34 -26.52
C ALA G 28 42.98 -15.74 -27.77
N ALA G 29 42.02 -16.65 -27.63
CA ALA G 29 41.19 -17.03 -28.76
C ALA G 29 40.44 -15.84 -29.35
N VAL G 30 39.70 -15.10 -28.50
CA VAL G 30 38.97 -13.95 -29.02
C VAL G 30 39.91 -12.86 -29.50
N ARG G 31 41.10 -12.77 -28.92
CA ARG G 31 42.07 -11.80 -29.42
C ARG G 31 42.53 -12.16 -30.83
N LEU G 32 42.57 -13.45 -31.16
CA LEU G 32 42.84 -13.93 -32.51
C LEU G 32 41.59 -13.99 -33.38
N ALA G 33 40.42 -14.20 -32.77
CA ALA G 33 39.20 -14.53 -33.52
C ALA G 33 38.88 -13.56 -34.66
N PRO G 34 38.88 -12.24 -34.46
CA PRO G 34 38.50 -11.36 -35.58
C PRO G 34 39.43 -11.45 -36.78
N ILE G 35 40.72 -11.68 -36.57
CA ILE G 35 41.63 -11.93 -37.67
C ILE G 35 41.28 -13.25 -38.36
N VAL G 36 41.09 -14.30 -37.57
CA VAL G 36 40.68 -15.60 -38.10
C VAL G 36 39.35 -15.50 -38.83
N LEU G 37 38.44 -14.66 -38.34
CA LEU G 37 37.14 -14.54 -38.98
C LEU G 37 37.20 -13.70 -40.26
N LYS G 38 38.05 -12.68 -40.30
CA LYS G 38 38.24 -11.94 -41.55
C LYS G 38 39.21 -12.66 -42.48
N HIS G 39 40.10 -13.46 -41.94
CA HIS G 39 41.06 -14.21 -42.74
C HIS G 39 40.35 -15.12 -43.74
N ASP H 1 48.58 -3.89 17.26
CA ASP H 1 49.32 -3.91 16.02
C ASP H 1 49.17 -2.59 15.28
N ARG H 2 50.22 -2.19 14.56
CA ARG H 2 50.20 -0.92 13.83
C ARG H 2 48.97 -0.85 12.92
N LEU H 3 48.79 -1.87 12.07
CA LEU H 3 47.58 -1.94 11.26
C LEU H 3 46.36 -2.31 12.10
N GLY H 4 46.54 -3.18 13.09
CA GLY H 4 45.45 -3.52 13.98
C GLY H 4 44.72 -2.31 14.54
N PHE H 5 45.45 -1.24 14.83
CA PHE H 5 44.86 0.04 15.21
C PHE H 5 44.52 0.95 14.03
N VAL H 6 45.47 1.16 13.12
CA VAL H 6 45.29 2.14 12.05
C VAL H 6 44.11 1.78 11.14
N VAL H 7 43.89 0.49 10.88
CA VAL H 7 42.78 0.09 10.02
C VAL H 7 41.44 0.44 10.66
N GLY H 8 41.27 0.10 11.94
CA GLY H 8 40.06 0.49 12.63
C GLY H 8 39.87 1.99 12.73
N VAL H 9 40.95 2.72 12.96
CA VAL H 9 40.89 4.18 12.98
C VAL H 9 40.43 4.72 11.63
N VAL H 10 41.11 4.32 10.55
CA VAL H 10 40.79 4.87 9.23
C VAL H 10 39.38 4.50 8.79
N GLN H 11 38.95 3.27 9.08
CA GLN H 11 37.56 2.92 8.76
C GLN H 11 36.55 3.69 9.61
N THR H 12 36.85 3.96 10.89
CA THR H 12 35.97 4.81 11.67
C THR H 12 35.92 6.24 11.12
N GLY H 13 37.07 6.71 10.64
CA GLY H 13 37.10 8.03 10.01
C GLY H 13 36.32 8.11 8.72
N PHE H 14 36.40 7.07 7.88
CA PHE H 14 35.53 7.01 6.71
C PHE H 14 34.07 6.97 7.14
N HIS H 15 33.74 6.03 8.02
CA HIS H 15 32.37 5.80 8.47
C HIS H 15 31.69 7.08 8.90
N TRP H 16 32.30 7.83 9.82
CA TRP H 16 31.68 9.08 10.25
C TRP H 16 31.98 10.29 9.37
N GLY H 17 33.09 10.32 8.64
CA GLY H 17 33.50 11.50 7.90
C GLY H 17 33.04 11.60 6.47
N PHE H 18 32.55 10.53 5.85
CA PHE H 18 32.24 10.61 4.43
C PHE H 18 31.13 11.61 4.14
N VAL H 19 30.01 11.55 4.87
CA VAL H 19 28.97 12.57 4.70
C VAL H 19 29.49 13.92 5.13
N PRO H 20 30.22 14.06 6.24
CA PRO H 20 30.95 15.30 6.48
C PRO H 20 31.84 15.73 5.32
N LEU H 21 32.55 14.80 4.69
CA LEU H 21 33.42 15.16 3.58
C LEU H 21 32.63 15.66 2.37
N VAL H 22 31.56 14.95 1.99
CA VAL H 22 30.71 15.40 0.89
C VAL H 22 30.15 16.79 1.18
N LEU H 23 29.61 16.98 2.38
CA LEU H 23 29.08 18.29 2.75
C LEU H 23 30.16 19.37 2.69
N TYR H 24 31.37 19.05 3.19
CA TYR H 24 32.45 20.02 3.17
C TYR H 24 32.82 20.43 1.75
N LEU H 25 33.04 19.45 0.87
CA LEU H 25 33.34 19.79 -0.52
C LEU H 25 32.22 20.56 -1.19
N GLY H 26 30.97 20.27 -0.81
CA GLY H 26 29.84 21.03 -1.29
C GLY H 26 29.86 22.49 -0.89
N PHE H 27 29.98 22.76 0.41
CA PHE H 27 30.06 24.14 0.87
C PHE H 27 31.36 24.80 0.43
N MET H 28 32.41 24.03 0.17
CA MET H 28 33.61 24.58 -0.45
C MET H 28 33.27 25.18 -1.81
N LYS H 29 32.60 24.41 -2.67
CA LYS H 29 32.15 25.01 -3.92
C LYS H 29 31.04 26.03 -3.68
N GLY H 30 30.18 25.77 -2.69
CA GLY H 30 29.04 26.61 -2.43
C GLY H 30 27.97 26.51 -3.51
N ALA H 31 27.13 27.52 -3.58
CA ALA H 31 26.18 27.66 -4.66
C ALA H 31 26.89 28.02 -5.96
N GLU H 32 26.11 28.20 -7.02
CA GLU H 32 26.62 28.85 -8.20
C GLU H 32 27.06 30.28 -7.86
N PRO H 33 28.01 30.85 -8.60
CA PRO H 33 28.56 32.16 -8.22
C PRO H 33 27.52 33.25 -8.11
N GLY H 34 26.41 33.15 -8.85
CA GLY H 34 25.33 34.12 -8.79
C GLY H 34 24.25 33.84 -7.77
N MET H 35 24.26 32.68 -7.13
CA MET H 35 23.17 32.31 -6.24
C MET H 35 23.46 32.75 -4.82
N PRO H 36 22.42 32.85 -3.98
CA PRO H 36 22.63 33.15 -2.57
C PRO H 36 23.47 32.08 -1.91
N PRO H 37 24.19 32.43 -0.85
CA PRO H 37 25.06 31.44 -0.18
C PRO H 37 24.27 30.23 0.31
N LEU H 38 24.98 29.10 0.38
CA LEU H 38 24.45 27.87 0.98
C LEU H 38 24.58 27.98 2.50
N ASN H 39 23.64 28.69 3.10
CA ASN H 39 23.42 28.59 4.53
C ASN H 39 23.08 27.14 4.90
N LEU H 40 23.49 26.74 6.10
CA LEU H 40 23.22 25.38 6.56
C LEU H 40 21.73 25.06 6.59
N PHE H 41 20.86 26.07 6.62
CA PHE H 41 19.44 25.83 6.41
C PHE H 41 19.15 25.06 5.12
N SER H 42 20.05 25.14 4.14
CA SER H 42 19.93 24.34 2.93
C SER H 42 19.97 22.84 3.20
N LEU H 43 20.58 22.43 4.32
CA LEU H 43 20.53 21.04 4.74
C LEU H 43 19.20 20.64 5.35
N LEU H 44 18.36 21.61 5.73
CA LEU H 44 17.24 21.36 6.63
C LEU H 44 15.88 21.73 6.06
N TRP H 45 15.81 22.67 5.13
CA TRP H 45 14.53 23.14 4.60
C TRP H 45 14.59 23.18 3.08
N GLN H 46 13.41 23.14 2.47
CA GLN H 46 13.25 23.42 1.06
C GLN H 46 13.15 24.92 0.82
N ALA I 1 -21.38 -38.34 -7.76
CA ALA I 1 -20.16 -37.55 -7.62
C ALA I 1 -20.07 -36.49 -8.71
N THR I 2 -21.07 -36.46 -9.59
CA THR I 2 -21.09 -35.46 -10.65
C THR I 2 -21.10 -34.05 -10.08
N VAL I 3 -21.95 -33.81 -9.08
CA VAL I 3 -21.99 -32.50 -8.42
C VAL I 3 -20.63 -32.18 -7.81
N LYS I 4 -20.02 -33.14 -7.13
CA LYS I 4 -18.71 -32.93 -6.53
C LYS I 4 -17.66 -32.67 -7.61
N SER I 5 -17.78 -33.34 -8.75
CA SER I 5 -16.92 -33.05 -9.89
C SER I 5 -17.16 -31.63 -10.42
N VAL I 6 -18.42 -31.19 -10.43
CA VAL I 6 -18.72 -29.79 -10.77
C VAL I 6 -18.19 -28.84 -9.71
N LYS I 7 -18.22 -29.23 -8.43
CA LYS I 7 -17.57 -28.42 -7.41
C LYS I 7 -16.06 -28.38 -7.60
N GLY I 8 -15.46 -29.50 -8.02
CA GLY I 8 -14.07 -29.51 -8.41
C GLY I 8 -13.72 -28.57 -9.54
N PHE I 9 -14.44 -28.71 -10.67
CA PHE I 9 -14.30 -27.77 -11.78
C PHE I 9 -14.55 -26.33 -11.35
N TYR I 10 -15.61 -26.10 -10.57
CA TYR I 10 -15.93 -24.74 -10.14
C TYR I 10 -14.81 -24.12 -9.34
N SER I 11 -14.33 -24.80 -8.29
CA SER I 11 -13.24 -24.25 -7.50
C SER I 11 -11.97 -24.07 -8.31
N PHE I 12 -11.70 -24.96 -9.28
CA PHE I 12 -10.63 -24.72 -10.23
C PHE I 12 -10.90 -23.48 -11.08
N SER I 13 -12.13 -23.31 -11.55
CA SER I 13 -12.49 -22.12 -12.32
C SER I 13 -12.39 -20.84 -11.48
N CYS I 14 -12.63 -20.93 -10.18
CA CYS I 14 -12.30 -19.83 -9.28
C CYS I 14 -10.82 -19.45 -9.35
N ASN I 15 -9.95 -20.41 -9.03
CA ASN I 15 -8.51 -20.15 -9.07
C ASN I 15 -8.05 -19.59 -10.42
N ALA I 16 -8.43 -20.23 -11.52
CA ALA I 16 -8.02 -19.75 -12.84
C ALA I 16 -8.45 -18.31 -13.07
N SER I 17 -9.71 -17.99 -12.77
CA SER I 17 -10.18 -16.62 -12.96
C SER I 17 -9.53 -15.66 -11.98
N TRP I 18 -9.35 -16.10 -10.73
CA TRP I 18 -8.72 -15.27 -9.71
C TRP I 18 -7.29 -14.90 -10.09
N ILE I 19 -6.47 -15.90 -10.38
CA ILE I 19 -5.08 -15.67 -10.78
C ILE I 19 -4.99 -14.82 -12.05
N PHE I 20 -5.83 -15.11 -13.05
CA PHE I 20 -5.85 -14.29 -14.25
C PHE I 20 -6.20 -12.84 -13.97
N PHE I 21 -7.31 -12.59 -13.28
CA PHE I 21 -7.79 -11.22 -13.11
C PHE I 21 -6.95 -10.42 -12.11
N THR I 22 -6.45 -11.04 -11.05
CA THR I 22 -5.49 -10.35 -10.20
C THR I 22 -4.20 -10.02 -10.93
N SER I 23 -3.70 -10.96 -11.74
CA SER I 23 -2.51 -10.70 -12.56
C SER I 23 -2.74 -9.55 -13.55
N ALA I 24 -3.87 -9.56 -14.26
CA ALA I 24 -4.15 -8.48 -15.20
C ALA I 24 -4.26 -7.14 -14.49
N VAL I 25 -4.88 -7.12 -13.31
CA VAL I 25 -4.99 -5.89 -12.53
C VAL I 25 -3.63 -5.32 -12.14
N ILE I 26 -2.63 -6.18 -11.92
CA ILE I 26 -1.26 -5.72 -11.75
C ILE I 26 -0.63 -5.34 -13.08
N LEU I 27 -0.50 -6.31 -13.99
CA LEU I 27 0.39 -6.14 -15.14
C LEU I 27 -0.17 -5.17 -16.18
N PHE I 28 -1.37 -5.45 -16.69
CA PHE I 28 -1.98 -4.64 -17.74
C PHE I 28 -2.81 -3.46 -17.21
N ALA I 29 -3.68 -3.70 -16.25
CA ALA I 29 -4.75 -2.75 -15.96
C ALA I 29 -4.25 -1.35 -15.65
N PRO I 30 -3.15 -1.14 -14.92
CA PRO I 30 -2.69 0.24 -14.68
C PRO I 30 -2.36 0.97 -15.96
N VAL I 31 -1.83 0.28 -16.95
CA VAL I 31 -1.59 0.87 -18.27
C VAL I 31 -2.91 1.20 -18.95
N ILE I 32 -3.85 0.26 -18.96
CA ILE I 32 -5.16 0.48 -19.57
C ILE I 32 -5.85 1.70 -18.95
N PHE I 33 -5.89 1.77 -17.62
CA PHE I 33 -6.57 2.88 -16.96
C PHE I 33 -5.97 4.22 -17.37
N GLU I 34 -4.66 4.37 -17.26
CA GLU I 34 -4.04 5.66 -17.60
C GLU I 34 -4.08 5.94 -19.10
N THR I 35 -3.89 4.92 -19.93
CA THR I 35 -4.00 5.11 -21.38
C THR I 35 -5.42 5.49 -21.78
N GLU I 36 -6.42 4.84 -21.22
CA GLU I 36 -7.81 5.24 -21.47
C GLU I 36 -8.06 6.67 -21.01
N ARG I 37 -7.66 7.00 -19.79
CA ARG I 37 -7.91 8.33 -19.25
C ARG I 37 -7.21 9.41 -20.07
N ALA I 38 -5.98 9.14 -20.51
CA ALA I 38 -5.29 10.07 -21.39
C ALA I 38 -5.95 10.18 -22.75
N GLN I 39 -6.46 9.07 -23.29
CA GLN I 39 -7.17 9.13 -24.56
C GLN I 39 -8.48 9.90 -24.44
N MET I 40 -9.23 9.67 -23.36
CA MET I 40 -10.46 10.45 -23.15
C MET I 40 -10.15 11.92 -22.92
N GLU I 41 -9.06 12.22 -22.21
CA GLU I 41 -8.61 13.60 -22.07
C GLU I 41 -8.30 14.23 -23.42
N GLU I 42 -7.55 13.51 -24.27
CA GLU I 42 -7.30 14.00 -25.62
C GLU I 42 -8.59 14.14 -26.42
N LEU I 43 -9.53 13.20 -26.25
CA LEU I 43 -10.82 13.34 -26.92
C LEU I 43 -11.56 14.59 -26.46
N HIS I 44 -11.70 14.78 -25.15
CA HIS I 44 -12.38 15.96 -24.65
C HIS I 44 -11.64 17.23 -25.02
N LYS I 45 -10.31 17.20 -25.02
CA LYS I 45 -9.54 18.35 -25.47
C LYS I 45 -9.76 18.62 -26.96
N SER I 46 -9.83 17.56 -27.76
CA SER I 46 -10.05 17.72 -29.20
C SER I 46 -11.52 17.95 -29.53
N GLN I 47 -12.43 17.46 -28.70
CA GLN I 47 -13.85 17.73 -28.87
C GLN I 47 -14.15 19.19 -28.56
N ALA J 1 37.08 -3.62 -38.73
CA ALA J 1 38.05 -2.80 -38.01
C ALA J 1 37.38 -1.58 -37.39
N ALA J 2 38.04 -0.96 -36.41
CA ALA J 2 37.49 0.19 -35.70
C ALA J 2 36.13 -0.13 -35.12
N LEU J 3 36.07 -1.20 -34.33
CA LEU J 3 34.81 -1.65 -33.76
C LEU J 3 34.42 -0.80 -32.55
N GLU J 4 33.16 -0.93 -32.13
CA GLU J 4 32.72 -0.31 -30.89
C GLU J 4 33.46 -0.91 -29.70
N ASN J 5 33.56 -0.12 -28.64
CA ASN J 5 33.85 -0.70 -27.33
C ASN J 5 32.64 -1.47 -26.83
N PRO J 6 32.81 -2.69 -26.31
CA PRO J 6 31.65 -3.54 -26.01
C PRO J 6 30.97 -3.22 -24.68
N GLY J 7 31.44 -2.23 -23.93
CA GLY J 7 31.00 -2.07 -22.55
C GLY J 7 31.80 -2.94 -21.61
N THR J 8 31.16 -3.52 -20.61
CA THR J 8 31.82 -4.43 -19.69
C THR J 8 30.90 -5.59 -19.35
N VAL J 9 31.50 -6.66 -18.82
CA VAL J 9 30.76 -7.88 -18.55
C VAL J 9 29.57 -7.62 -17.62
N GLU J 10 29.73 -6.74 -16.64
CA GLU J 10 28.61 -6.38 -15.78
C GLU J 10 27.49 -5.66 -16.52
N GLU J 11 27.81 -4.91 -17.57
CA GLU J 11 26.76 -4.30 -18.39
C GLU J 11 25.99 -5.32 -19.25
N LEU J 12 26.64 -6.41 -19.68
CA LEU J 12 25.88 -7.49 -20.29
C LEU J 12 24.94 -8.16 -19.31
N HIS J 13 25.44 -8.53 -18.13
CA HIS J 13 24.58 -9.18 -17.15
C HIS J 13 23.47 -8.25 -16.66
N LYS J 14 23.74 -6.95 -16.60
CA LYS J 14 22.70 -5.97 -16.31
C LYS J 14 21.84 -5.65 -17.54
N LYS J 15 22.20 -6.18 -18.71
CA LYS J 15 21.62 -5.67 -19.95
C LYS J 15 20.10 -5.61 -19.90
N CYS J 16 19.48 -6.63 -19.33
CA CYS J 16 18.02 -6.68 -19.24
C CYS J 16 17.51 -6.50 -17.82
N LYS J 17 18.37 -6.17 -16.86
CA LYS J 17 17.94 -5.86 -15.50
C LYS J 17 17.48 -4.41 -15.35
N ASP J 18 17.69 -3.57 -16.35
CA ASP J 18 17.25 -2.18 -16.29
C ASP J 18 15.74 -2.05 -16.51
N ILE J 19 15.16 -2.84 -17.41
CA ILE J 19 13.71 -2.86 -17.58
C ILE J 19 12.98 -3.71 -16.54
N GLN J 20 13.66 -4.64 -15.89
CA GLN J 20 13.03 -5.38 -14.80
C GLN J 20 12.67 -4.46 -13.64
N ALA J 21 11.42 -4.53 -13.20
CA ALA J 21 10.88 -3.60 -12.21
C ALA J 21 11.49 -3.85 -10.83
N ILE J 22 11.57 -2.78 -10.04
CA ILE J 22 12.10 -2.84 -8.69
C ILE J 22 10.99 -2.43 -7.72
N THR J 23 10.21 -3.42 -7.28
CA THR J 23 9.06 -3.19 -6.40
C THR J 23 9.52 -2.80 -5.00
N PHE J 24 8.68 -2.04 -4.30
CA PHE J 24 8.91 -1.68 -2.92
C PHE J 24 7.61 -1.76 -2.14
N GLU J 25 7.74 -1.79 -0.82
CA GLU J 25 6.62 -2.01 0.10
C GLU J 25 6.44 -0.82 1.04
N GLY J 26 5.17 -0.50 1.31
CA GLY J 26 4.85 0.58 2.21
C GLY J 26 4.98 1.95 1.58
N ALA J 27 5.00 2.96 2.45
CA ALA J 27 5.01 4.35 2.03
C ALA J 27 6.42 4.90 2.16
N LYS J 28 6.94 5.46 1.07
CA LYS J 28 8.27 6.04 1.02
C LYS J 28 8.19 7.46 0.49
N ILE J 29 8.72 8.41 1.23
CA ILE J 29 8.81 9.80 0.81
C ILE J 29 10.28 10.13 0.56
N MET J 30 10.55 10.82 -0.54
CA MET J 30 11.88 11.31 -0.85
C MET J 30 11.79 12.78 -1.26
N LEU J 31 12.62 13.61 -0.65
CA LEU J 31 12.81 14.99 -1.08
C LEU J 31 14.25 15.17 -1.58
N ASN J 32 14.39 15.70 -2.79
CA ASN J 32 15.68 16.04 -3.35
C ASN J 32 15.82 17.55 -3.43
N LYS J 33 16.93 18.08 -2.93
CA LYS J 33 17.25 19.49 -3.03
C LYS J 33 18.57 19.65 -3.75
N GLY J 34 18.54 20.35 -4.89
CA GLY J 34 19.76 20.69 -5.59
C GLY J 34 20.38 21.97 -5.07
N LEU J 35 21.52 21.86 -4.39
CA LEU J 35 22.18 23.02 -3.82
C LEU J 35 23.11 23.68 -4.82
N SER J 36 23.77 22.88 -5.66
CA SER J 36 24.44 23.36 -6.85
C SER J 36 24.61 22.18 -7.80
N ASN J 37 24.98 22.47 -9.04
CA ASN J 37 25.25 21.40 -9.98
C ASN J 37 26.37 20.49 -9.51
N HIS J 38 27.10 20.87 -8.46
CA HIS J 38 28.12 20.03 -7.86
C HIS J 38 27.66 19.38 -6.55
N PHE J 39 26.50 19.76 -6.01
CA PHE J 39 26.15 19.40 -4.64
C PHE J 39 24.64 19.28 -4.50
N GLN J 40 24.18 18.09 -4.13
CA GLN J 40 22.75 17.79 -4.00
C GLN J 40 22.52 17.10 -2.66
N VAL J 41 21.37 17.38 -2.03
CA VAL J 41 21.03 16.82 -0.73
C VAL J 41 19.61 16.27 -0.81
N SER J 42 19.41 15.06 -0.27
CA SER J 42 18.12 14.39 -0.37
C SER J 42 17.73 13.74 0.96
N HIS J 43 16.48 13.96 1.35
CA HIS J 43 15.90 13.47 2.60
C HIS J 43 14.86 12.43 2.23
N THR J 44 14.97 11.23 2.79
CA THR J 44 14.05 10.15 2.45
C THR J 44 13.46 9.54 3.71
N ILE J 45 12.13 9.44 3.72
CA ILE J 45 11.35 8.93 4.84
C ILE J 45 10.61 7.72 4.31
N ASN J 46 10.84 6.55 4.91
CA ASN J 46 10.13 5.34 4.52
C ASN J 46 9.36 4.76 5.69
N MET J 47 8.03 4.76 5.57
CA MET J 47 7.13 4.11 6.50
C MET J 47 6.75 2.77 5.88
N SER J 48 7.06 1.68 6.57
CA SER J 48 6.80 0.37 5.99
C SER J 48 6.53 -0.66 7.08
N ASN J 49 5.78 -1.68 6.70
CA ASN J 49 5.10 -2.55 7.66
C ASN J 49 6.04 -3.65 8.15
N VAL J 50 6.81 -4.25 7.24
CA VAL J 50 7.74 -5.31 7.58
C VAL J 50 9.14 -4.95 7.09
N VAL J 51 9.22 -4.22 5.98
CA VAL J 51 10.52 -3.67 5.59
C VAL J 51 10.98 -2.69 6.66
N PRO J 52 12.25 -2.69 7.05
CA PRO J 52 12.71 -1.76 8.09
C PRO J 52 12.38 -0.31 7.74
N SER J 53 11.78 0.38 8.70
CA SER J 53 11.19 1.69 8.49
C SER J 53 11.98 2.74 9.25
N GLY J 54 12.29 3.85 8.58
CA GLY J 54 13.01 4.93 9.22
C GLY J 54 13.32 6.11 8.32
N TYR J 55 14.42 6.80 8.62
CA TYR J 55 14.88 7.94 7.84
C TYR J 55 16.32 7.67 7.43
N ARG J 56 16.72 8.18 6.27
CA ARG J 56 18.14 8.35 5.99
C ARG J 56 18.40 9.64 5.21
N PHE J 57 19.56 10.21 5.48
CA PHE J 57 19.99 11.51 4.96
C PHE J 57 21.08 11.30 3.93
N GLY J 58 20.91 11.85 2.73
CA GLY J 58 21.84 11.65 1.64
C GLY J 58 22.38 12.97 1.10
N ALA J 59 23.64 12.93 0.68
CA ALA J 59 24.31 14.05 0.05
C ALA J 59 25.18 13.53 -1.09
N THR J 60 25.34 14.34 -2.13
CA THR J 60 26.17 14.00 -3.27
C THR J 60 27.06 15.19 -3.63
N TYR J 61 28.35 14.93 -3.84
CA TYR J 61 29.27 15.89 -4.42
C TYR J 61 29.84 15.33 -5.71
N VAL J 62 30.02 16.20 -6.71
CA VAL J 62 30.61 15.82 -7.98
C VAL J 62 31.50 16.93 -8.52
N GLY J 63 32.45 16.54 -9.37
CA GLY J 63 33.19 17.47 -10.19
C GLY J 63 34.38 18.14 -9.52
N THR J 64 35.54 18.05 -10.15
CA THR J 64 36.69 18.88 -9.82
C THR J 64 37.44 19.27 -11.08
N LYS J 65 38.31 20.28 -10.91
CA LYS J 65 39.02 20.90 -12.03
C LYS J 65 39.86 19.90 -12.83
N GLU J 66 40.21 18.75 -12.25
CA GLU J 66 40.98 17.75 -12.98
C GLU J 66 40.20 17.11 -14.13
N PHE J 67 38.88 17.04 -14.03
CA PHE J 67 38.07 16.19 -14.91
C PHE J 67 37.25 17.07 -15.86
N SER J 68 37.51 16.91 -17.15
CA SER J 68 36.96 17.71 -18.23
C SER J 68 35.55 17.31 -18.69
N PRO J 69 35.26 16.02 -18.83
CA PRO J 69 34.02 15.64 -19.54
C PRO J 69 32.78 15.91 -18.72
N THR J 70 31.63 15.83 -19.40
CA THR J 70 30.33 16.01 -18.77
C THR J 70 30.04 14.97 -17.68
N GLU J 71 30.79 13.88 -17.63
CA GLU J 71 30.69 12.98 -16.48
C GLU J 71 31.05 13.71 -15.19
N ALA J 72 31.91 14.72 -15.30
CA ALA J 72 32.25 15.60 -14.17
C ALA J 72 32.62 14.80 -12.92
N PHE J 73 33.54 13.85 -13.10
CA PHE J 73 34.13 13.17 -11.96
C PHE J 73 34.94 14.15 -11.13
N PRO J 74 35.30 13.78 -9.89
CA PRO J 74 34.90 12.59 -9.15
C PRO J 74 33.42 12.60 -8.81
N VAL J 75 32.90 11.48 -8.33
CA VAL J 75 31.57 11.41 -7.74
C VAL J 75 31.74 10.86 -6.33
N LEU J 76 31.09 11.50 -5.37
CA LEU J 76 31.34 11.26 -3.94
C LEU J 76 30.00 11.36 -3.24
N LEU J 77 29.37 10.20 -3.03
CA LEU J 77 27.95 10.11 -2.76
C LEU J 77 27.72 9.16 -1.61
N GLY J 78 26.90 9.56 -0.65
CA GLY J 78 26.63 8.72 0.50
C GLY J 78 25.41 9.22 1.23
N ASP J 79 24.74 8.28 1.91
CA ASP J 79 23.56 8.60 2.68
C ASP J 79 23.54 7.76 3.95
N ILE J 80 23.12 8.38 5.05
CA ILE J 80 23.29 7.82 6.37
C ILE J 80 21.98 7.99 7.15
N ASP J 81 21.61 6.96 7.89
CA ASP J 81 20.46 7.02 8.77
C ASP J 81 20.89 7.43 10.17
N PRO J 82 19.94 7.89 10.99
CA PRO J 82 20.30 8.29 12.35
C PRO J 82 20.87 7.18 13.21
N ALA J 83 20.69 5.91 12.82
CA ALA J 83 21.36 4.83 13.52
C ALA J 83 22.84 4.72 13.14
N GLY J 84 23.25 5.37 12.06
CA GLY J 84 24.64 5.43 11.67
C GLY J 84 25.04 4.45 10.59
N ASN J 85 24.10 3.79 9.95
CA ASN J 85 24.40 2.90 8.83
C ASN J 85 24.67 3.74 7.59
N LEU J 86 25.86 3.58 7.01
CA LEU J 86 26.30 4.41 5.88
C LEU J 86 26.36 3.56 4.63
N ASN J 87 25.77 4.07 3.56
CA ASN J 87 26.05 3.66 2.20
C ASN J 87 26.81 4.79 1.50
N ALA J 88 27.89 4.46 0.80
CA ALA J 88 28.63 5.48 0.08
C ALA J 88 29.35 4.87 -1.12
N ASN J 89 29.48 5.69 -2.16
CA ASN J 89 30.14 5.31 -3.40
C ASN J 89 31.20 6.34 -3.74
N VAL J 90 32.31 5.88 -4.30
CA VAL J 90 33.37 6.75 -4.78
C VAL J 90 33.75 6.30 -6.18
N ILE J 91 33.90 7.26 -7.10
CA ILE J 91 34.22 6.99 -8.48
C ILE J 91 35.30 7.96 -8.93
N HIS J 92 36.29 7.43 -9.66
CA HIS J 92 37.52 8.15 -9.95
C HIS J 92 37.96 7.79 -11.35
N GLN J 93 38.82 8.63 -11.93
CA GLN J 93 39.30 8.46 -13.30
C GLN J 93 40.81 8.70 -13.33
N PHE J 94 41.59 7.63 -13.18
CA PHE J 94 43.02 7.77 -13.35
C PHE J 94 43.34 8.30 -14.74
N SER J 95 42.46 8.03 -15.70
CA SER J 95 42.42 8.72 -16.99
C SER J 95 41.00 8.57 -17.52
N ALA J 96 40.81 8.86 -18.81
CA ALA J 96 39.56 8.48 -19.46
C ALA J 96 39.41 6.96 -19.51
N ARG J 97 40.49 6.27 -19.87
CA ARG J 97 40.67 4.86 -19.58
C ARG J 97 41.05 4.69 -18.11
N LEU J 98 40.95 3.45 -17.63
CA LEU J 98 41.21 3.13 -16.22
C LEU J 98 40.33 3.95 -15.30
N ARG J 99 39.02 3.91 -15.57
CA ARG J 99 38.03 4.38 -14.63
C ARG J 99 37.96 3.46 -13.42
N CYS J 100 37.59 4.01 -12.27
CA CYS J 100 37.50 3.26 -11.04
C CYS J 100 36.21 3.60 -10.31
N LYS J 101 35.56 2.57 -9.77
CA LYS J 101 34.43 2.73 -8.86
C LYS J 101 34.76 2.10 -7.52
N PHE J 102 34.27 2.70 -6.45
CA PHE J 102 34.33 2.12 -5.13
C PHE J 102 32.98 2.30 -4.45
N ALA J 103 32.55 1.26 -3.72
CA ALA J 103 31.33 1.33 -2.92
C ALA J 103 31.53 0.54 -1.63
N SER J 104 30.95 1.05 -0.55
CA SER J 104 30.97 0.38 0.74
C SER J 104 29.64 0.61 1.44
N GLN J 105 29.13 -0.44 2.08
CA GLN J 105 27.96 -0.35 2.94
C GLN J 105 28.40 -0.66 4.37
N ILE J 106 28.14 0.29 5.27
CA ILE J 106 28.38 0.12 6.70
C ILE J 106 27.05 0.07 7.40
N GLN J 107 26.82 -0.98 8.18
CA GLN J 107 25.67 -1.06 9.06
C GLN J 107 26.03 -1.90 10.27
N GLU J 108 25.34 -1.62 11.38
CA GLU J 108 25.73 -2.10 12.71
C GLU J 108 27.14 -1.68 13.06
N SER J 109 27.52 -0.46 12.64
CA SER J 109 28.84 0.09 12.88
C SER J 109 29.95 -0.77 12.27
N LYS J 110 29.62 -1.53 11.22
CA LYS J 110 30.58 -2.45 10.62
C LYS J 110 30.44 -2.37 9.11
N VAL J 111 31.57 -2.47 8.41
CA VAL J 111 31.55 -2.66 6.96
C VAL J 111 31.00 -4.06 6.68
N VAL J 112 29.78 -4.13 6.14
CA VAL J 112 29.18 -5.42 5.85
C VAL J 112 29.46 -5.88 4.42
N ALA J 113 29.59 -4.95 3.48
CA ALA J 113 29.96 -5.28 2.12
C ALA J 113 30.70 -4.10 1.50
N SER J 114 31.70 -4.42 0.68
CA SER J 114 32.43 -3.40 -0.05
C SER J 114 32.98 -4.03 -1.32
N GLN J 115 33.22 -3.19 -2.32
CA GLN J 115 33.89 -3.63 -3.53
C GLN J 115 34.66 -2.47 -4.13
N LEU J 116 35.73 -2.82 -4.86
CA LEU J 116 36.51 -1.88 -5.63
C LEU J 116 36.66 -2.45 -7.03
N THR J 117 36.43 -1.62 -8.04
CA THR J 117 36.35 -2.09 -9.41
C THR J 117 37.05 -1.11 -10.33
N THR J 118 37.80 -1.65 -11.29
CA THR J 118 38.46 -0.86 -12.30
C THR J 118 37.87 -1.18 -13.67
N ASP J 119 37.78 -0.17 -14.53
CA ASP J 119 37.43 -0.35 -15.93
C ASP J 119 38.56 0.24 -16.77
N TYR J 120 39.08 -0.56 -17.68
CA TYR J 120 40.00 -0.10 -18.72
C TYR J 120 39.30 -0.29 -20.06
N ARG J 121 39.21 0.78 -20.84
CA ARG J 121 38.35 0.83 -22.01
C ARG J 121 39.22 1.09 -23.22
N GLY J 122 39.35 0.08 -24.07
CA GLY J 122 40.54 -0.06 -24.90
C GLY J 122 40.23 0.02 -26.37
N SER J 123 39.33 0.93 -26.75
CA SER J 123 38.67 0.88 -28.04
C SER J 123 37.90 -0.43 -28.22
N ASP J 124 38.34 -1.27 -29.17
CA ASP J 124 37.58 -2.47 -29.52
C ASP J 124 37.41 -3.46 -28.36
N TYR J 125 38.06 -3.26 -27.22
CA TYR J 125 37.91 -4.20 -26.11
C TYR J 125 37.85 -3.47 -24.78
N THR J 126 37.47 -4.22 -23.74
CA THR J 126 37.46 -3.75 -22.37
C THR J 126 38.11 -4.80 -21.48
N LEU J 127 38.86 -4.34 -20.47
CA LEU J 127 39.37 -5.21 -19.42
C LEU J 127 39.04 -4.60 -18.08
N SER J 128 38.58 -5.42 -17.14
CA SER J 128 38.18 -4.94 -15.83
C SER J 128 38.63 -5.92 -14.75
N LEU J 129 39.00 -5.36 -13.59
CA LEU J 129 39.36 -6.15 -12.42
C LEU J 129 38.60 -5.61 -11.22
N THR J 130 38.02 -6.53 -10.43
CA THR J 130 37.31 -6.18 -9.21
C THR J 130 37.91 -6.93 -8.03
N VAL J 131 37.92 -6.26 -6.88
CA VAL J 131 38.17 -6.89 -5.59
C VAL J 131 37.01 -6.50 -4.67
N ALA J 132 36.55 -7.45 -3.86
CA ALA J 132 35.36 -7.20 -3.05
C ALA J 132 35.45 -7.93 -1.73
N ASN J 133 34.72 -7.41 -0.75
CA ASN J 133 34.68 -7.87 0.63
C ASN J 133 36.04 -8.28 1.18
N PRO J 134 37.09 -7.49 0.99
CA PRO J 134 38.43 -7.95 1.41
C PRO J 134 38.49 -8.02 2.93
N SER J 135 39.08 -9.09 3.44
CA SER J 135 39.71 -9.01 4.76
C SER J 135 40.98 -8.17 4.68
N ILE J 136 41.18 -7.32 5.68
CA ILE J 136 42.40 -6.54 5.76
C ILE J 136 43.47 -7.29 6.53
N PHE J 137 43.08 -8.09 7.52
CA PHE J 137 44.02 -8.82 8.35
C PHE J 137 44.35 -10.20 7.79
N THR J 138 43.54 -10.71 6.86
CA THR J 138 43.71 -12.05 6.33
C THR J 138 43.61 -12.02 4.81
N ASN J 139 44.16 -13.07 4.18
CA ASN J 139 44.15 -13.19 2.73
C ASN J 139 42.74 -13.25 2.15
N SER J 140 41.74 -13.50 2.99
CA SER J 140 40.40 -13.81 2.49
C SER J 140 39.76 -12.60 1.81
N GLY J 141 38.91 -12.89 0.84
CA GLY J 141 38.25 -11.86 0.06
C GLY J 141 37.82 -12.41 -1.29
N VAL J 142 37.28 -11.50 -2.10
CA VAL J 142 36.75 -11.83 -3.42
C VAL J 142 37.53 -11.05 -4.49
N VAL J 143 37.78 -11.71 -5.62
CA VAL J 143 38.44 -11.10 -6.77
C VAL J 143 37.69 -11.55 -8.01
N VAL J 144 37.56 -10.64 -8.99
CA VAL J 144 36.97 -10.99 -10.28
C VAL J 144 37.75 -10.33 -11.40
N GLY J 145 38.23 -11.13 -12.35
CA GLY J 145 38.76 -10.63 -13.60
C GLY J 145 37.73 -10.80 -14.71
N GLN J 146 37.64 -9.80 -15.58
CA GLN J 146 36.64 -9.81 -16.64
C GLN J 146 37.22 -9.20 -17.91
N TYR J 147 36.85 -9.78 -19.05
CA TYR J 147 37.35 -9.38 -20.36
C TYR J 147 36.21 -9.44 -21.36
N LEU J 148 36.18 -8.48 -22.28
CA LEU J 148 35.12 -8.41 -23.28
C LEU J 148 35.64 -7.68 -24.50
N GLN J 149 35.55 -8.33 -25.67
CA GLN J 149 36.07 -7.78 -26.91
C GLN J 149 34.97 -7.78 -27.97
N SER J 150 34.83 -6.67 -28.67
CA SER J 150 34.03 -6.66 -29.89
C SER J 150 34.71 -7.48 -30.98
N VAL J 151 33.96 -8.40 -31.58
CA VAL J 151 34.48 -9.28 -32.60
C VAL J 151 33.91 -8.94 -33.97
N THR J 152 32.66 -8.50 -34.04
CA THR J 152 32.05 -7.96 -35.24
C THR J 152 31.08 -6.87 -34.79
N PRO J 153 30.78 -5.89 -35.65
CA PRO J 153 29.94 -4.77 -35.17
C PRO J 153 28.60 -5.21 -34.62
N ALA J 154 28.08 -6.37 -35.03
CA ALA J 154 26.87 -6.94 -34.45
C ALA J 154 27.14 -7.90 -33.29
N LEU J 155 28.40 -8.24 -33.01
CA LEU J 155 28.72 -9.36 -32.13
C LEU J 155 29.91 -9.02 -31.25
N ALA J 156 29.81 -9.37 -29.97
CA ALA J 156 30.92 -9.26 -29.03
C ALA J 156 31.08 -10.56 -28.24
N LEU J 157 32.32 -10.87 -27.89
CA LEU J 157 32.65 -12.05 -27.11
C LEU J 157 33.66 -11.68 -26.05
N GLY J 158 33.70 -12.45 -24.98
CA GLY J 158 34.55 -12.11 -23.86
C GLY J 158 34.67 -13.25 -22.87
N SER J 159 35.09 -12.89 -21.66
CA SER J 159 35.43 -13.90 -20.66
C SER J 159 35.34 -13.28 -19.27
N GLU J 160 35.25 -14.14 -18.26
CA GLU J 160 35.15 -13.72 -16.87
C GLU J 160 35.79 -14.80 -16.00
N LEU J 161 36.47 -14.37 -14.95
CA LEU J 161 36.98 -15.29 -13.93
C LEU J 161 36.75 -14.66 -12.56
N ALA J 162 35.69 -15.09 -11.86
CA ALA J 162 35.54 -14.78 -10.46
C ALA J 162 36.40 -15.71 -9.59
N TYR J 163 36.83 -15.19 -8.45
CA TYR J 163 37.69 -15.93 -7.53
C TYR J 163 37.33 -15.53 -6.11
N GLN J 164 37.47 -16.48 -5.19
CA GLN J 164 37.32 -16.20 -3.76
C GLN J 164 38.33 -17.01 -2.98
N PHE J 165 38.76 -16.47 -1.84
CA PHE J 165 39.64 -17.16 -0.90
C PHE J 165 39.09 -17.10 0.51
N GLY J 166 39.29 -18.19 1.26
CA GLY J 166 39.08 -18.19 2.68
C GLY J 166 37.80 -18.84 3.18
N PRO J 167 37.53 -18.68 4.47
CA PRO J 167 36.51 -19.52 5.13
C PRO J 167 35.11 -19.36 4.54
N ASN J 168 34.81 -18.26 3.86
CA ASN J 168 33.53 -18.14 3.17
C ASN J 168 33.43 -19.07 1.97
N VAL J 169 34.55 -19.61 1.51
CA VAL J 169 34.57 -20.46 0.32
C VAL J 169 34.70 -21.91 0.76
N PRO J 170 33.94 -22.84 0.19
CA PRO J 170 34.02 -24.23 0.67
C PRO J 170 35.38 -24.85 0.42
N GLY J 171 35.93 -24.65 -0.77
CA GLY J 171 37.34 -24.89 -0.99
C GLY J 171 38.15 -23.67 -0.60
N ARG J 172 39.39 -23.91 -0.15
CA ARG J 172 40.21 -22.83 0.36
C ARG J 172 40.36 -21.71 -0.67
N GLN J 173 40.43 -22.05 -1.95
CA GLN J 173 40.20 -21.11 -3.03
C GLN J 173 39.29 -21.75 -4.07
N ILE J 174 38.42 -20.94 -4.69
CA ILE J 174 37.62 -21.39 -5.82
C ILE J 174 37.56 -20.26 -6.85
N ALA J 175 37.47 -20.64 -8.12
CA ALA J 175 37.29 -19.70 -9.21
C ALA J 175 36.42 -20.34 -10.27
N ILE J 176 35.70 -19.51 -11.03
CA ILE J 176 34.86 -19.99 -12.13
C ILE J 176 35.12 -19.15 -13.37
N MET J 177 35.79 -19.74 -14.35
CA MET J 177 35.80 -19.20 -15.71
C MET J 177 34.42 -19.26 -16.31
N SER J 178 34.04 -18.24 -17.08
CA SER J 178 32.80 -18.29 -17.83
C SER J 178 32.87 -17.42 -19.07
N VAL J 179 32.62 -18.03 -20.23
CA VAL J 179 32.50 -17.29 -21.47
C VAL J 179 31.33 -16.31 -21.40
N VAL J 180 31.41 -15.27 -22.21
CA VAL J 180 30.35 -14.28 -22.33
C VAL J 180 30.26 -13.84 -23.79
N GLY J 181 29.06 -13.46 -24.21
CA GLY J 181 28.87 -12.90 -25.54
C GLY J 181 27.60 -12.10 -25.65
N ARG J 182 27.49 -11.36 -26.76
CA ARG J 182 26.32 -10.58 -27.07
C ARG J 182 26.15 -10.53 -28.59
N TYR J 183 24.90 -10.62 -29.05
CA TYR J 183 24.60 -10.48 -30.48
C TYR J 183 23.40 -9.57 -30.64
N THR J 184 23.38 -8.82 -31.75
CA THR J 184 22.56 -7.62 -31.82
C THR J 184 21.88 -7.41 -33.17
N ALA J 185 21.67 -8.46 -33.96
CA ALA J 185 21.05 -8.28 -35.26
C ALA J 185 19.64 -7.73 -35.12
N GLY J 186 19.34 -6.70 -35.91
CA GLY J 186 18.08 -5.99 -35.88
C GLY J 186 17.79 -5.34 -34.54
N SER J 187 16.50 -5.27 -34.21
CA SER J 187 16.09 -4.78 -32.90
C SER J 187 16.58 -5.71 -31.79
N SER J 188 16.55 -7.01 -32.03
CA SER J 188 16.86 -7.98 -30.98
C SER J 188 18.30 -7.84 -30.53
N VAL J 189 18.52 -7.95 -29.23
CA VAL J 189 19.84 -8.16 -28.65
C VAL J 189 19.78 -9.43 -27.81
N TRP J 190 20.59 -10.41 -28.17
CA TRP J 190 20.86 -11.54 -27.30
C TRP J 190 22.01 -11.19 -26.36
N SER J 191 22.03 -11.83 -25.20
CA SER J 191 23.19 -11.82 -24.33
C SER J 191 23.16 -13.07 -23.47
N GLY J 192 24.34 -13.47 -23.00
CA GLY J 192 24.39 -14.54 -22.01
C GLY J 192 25.82 -14.93 -21.69
N THR J 193 25.93 -15.81 -20.71
CA THR J 193 27.21 -16.33 -20.25
C THR J 193 27.08 -17.82 -19.99
N LEU J 194 28.10 -18.58 -20.38
CA LEU J 194 28.15 -20.00 -20.09
C LEU J 194 29.32 -20.24 -19.15
N GLY J 195 29.02 -20.76 -17.95
CA GLY J 195 30.02 -21.02 -16.95
C GLY J 195 30.27 -22.51 -16.76
N GLN J 196 31.29 -22.80 -15.95
CA GLN J 196 31.49 -24.16 -15.46
C GLN J 196 30.39 -24.60 -14.52
N SER J 197 29.64 -23.66 -13.94
CA SER J 197 28.66 -23.97 -12.91
C SER J 197 27.32 -23.29 -13.09
N GLY J 198 27.09 -22.57 -14.19
CA GLY J 198 25.82 -21.86 -14.35
C GLY J 198 25.70 -21.27 -15.73
N LEU J 199 24.50 -20.77 -16.00
CA LEU J 199 24.19 -20.15 -17.28
C LEU J 199 23.20 -19.02 -17.05
N HIS J 200 23.37 -17.93 -17.79
CA HIS J 200 22.41 -16.83 -17.79
C HIS J 200 22.28 -16.32 -19.21
N VAL J 201 21.05 -15.99 -19.61
CA VAL J 201 20.78 -15.46 -20.94
C VAL J 201 19.72 -14.38 -20.80
N CYS J 202 20.01 -13.19 -21.34
CA CYS J 202 18.98 -12.20 -21.58
C CYS J 202 18.55 -12.35 -23.01
N TYR J 203 17.25 -12.19 -23.26
CA TYR J 203 16.76 -11.71 -24.54
C TYR J 203 16.21 -10.32 -24.30
N TYR J 204 16.49 -9.41 -25.22
CA TYR J 204 16.01 -8.05 -25.08
C TYR J 204 15.57 -7.53 -26.45
N GLN J 205 14.54 -6.71 -26.45
CA GLN J 205 13.89 -6.31 -27.69
C GLN J 205 13.20 -4.98 -27.46
N LYS J 206 13.73 -3.91 -28.07
CA LYS J 206 12.95 -2.70 -28.22
C LYS J 206 11.89 -2.89 -29.29
N ALA J 207 10.62 -2.83 -28.87
CA ALA J 207 9.54 -2.71 -29.85
C ALA J 207 9.48 -1.29 -30.40
N SER J 208 9.44 -0.31 -29.51
CA SER J 208 9.49 1.09 -29.88
C SER J 208 9.90 1.88 -28.63
N ASP J 209 10.10 3.18 -28.80
CA ASP J 209 10.36 4.05 -27.66
C ASP J 209 9.31 3.88 -26.57
N GLN J 210 8.09 3.47 -26.94
CA GLN J 210 7.02 3.25 -25.98
C GLN J 210 7.04 1.87 -25.31
N LEU J 211 7.81 0.91 -25.81
CA LEU J 211 7.64 -0.46 -25.34
C LEU J 211 8.94 -1.23 -25.52
N GLN J 212 9.47 -1.75 -24.41
CA GLN J 212 10.70 -2.53 -24.40
C GLN J 212 10.42 -3.83 -23.68
N ILE J 213 10.87 -4.94 -24.27
CA ILE J 213 10.57 -6.28 -23.76
C ILE J 213 11.88 -7.04 -23.62
N GLY J 214 12.00 -7.80 -22.54
CA GLY J 214 13.13 -8.70 -22.40
C GLY J 214 12.73 -9.96 -21.67
N ALA J 215 13.62 -10.94 -21.68
CA ALA J 215 13.42 -12.18 -20.95
C ALA J 215 14.76 -12.67 -20.42
N GLU J 216 14.70 -13.43 -19.32
CA GLU J 216 15.87 -14.02 -18.71
C GLU J 216 15.67 -15.51 -18.53
N VAL J 217 16.77 -16.25 -18.50
CA VAL J 217 16.84 -17.50 -17.76
C VAL J 217 18.12 -17.52 -16.95
N GLU J 218 18.04 -18.18 -15.79
CA GLU J 218 19.20 -18.45 -14.96
C GLU J 218 19.23 -19.93 -14.63
N THR J 219 20.44 -20.47 -14.50
CA THR J 219 20.61 -21.87 -14.15
C THR J 219 21.91 -22.05 -13.41
N SER J 220 21.94 -23.05 -12.53
CA SER J 220 23.12 -23.36 -11.73
C SER J 220 23.31 -24.87 -11.70
N LEU J 221 24.53 -25.32 -11.95
CA LEU J 221 24.80 -26.74 -12.19
C LEU J 221 25.23 -27.48 -10.93
N ARG J 222 25.68 -26.75 -9.91
CA ARG J 222 26.01 -27.32 -8.61
C ARG J 222 24.97 -27.02 -7.55
N MET J 223 24.19 -25.95 -7.72
CA MET J 223 23.12 -25.59 -6.81
C MET J 223 21.77 -26.19 -7.21
N GLN J 224 21.63 -26.62 -8.47
CA GLN J 224 20.40 -27.24 -8.94
C GLN J 224 19.19 -26.33 -8.72
N GLU J 225 19.33 -25.04 -9.03
CA GLU J 225 18.23 -24.11 -8.93
C GLU J 225 18.25 -23.22 -10.16
N SER J 226 17.07 -22.91 -10.69
CA SER J 226 16.94 -22.14 -11.92
C SER J 226 15.66 -21.31 -11.86
N VAL J 227 15.71 -20.15 -12.50
CA VAL J 227 14.57 -19.25 -12.58
C VAL J 227 14.59 -18.58 -13.94
N ALA J 228 13.49 -17.88 -14.25
CA ALA J 228 13.42 -17.08 -15.46
C ALA J 228 12.46 -15.93 -15.19
N THR J 229 12.58 -14.88 -16.00
CA THR J 229 11.61 -13.80 -15.96
C THR J 229 11.31 -13.33 -17.37
N LEU J 230 10.09 -12.87 -17.56
CA LEU J 230 9.68 -12.08 -18.72
C LEU J 230 9.25 -10.73 -18.19
N ALA J 231 9.87 -9.67 -18.68
CA ALA J 231 9.64 -8.34 -18.14
C ALA J 231 9.57 -7.34 -19.28
N TYR J 232 8.79 -6.29 -19.06
CA TYR J 232 8.61 -5.26 -20.06
C TYR J 232 8.60 -3.90 -19.37
N GLN J 233 8.84 -2.86 -20.15
CA GLN J 233 8.71 -1.48 -19.73
C GLN J 233 7.85 -0.73 -20.72
N ILE J 234 6.95 0.10 -20.21
CA ILE J 234 6.22 1.06 -21.02
C ILE J 234 6.68 2.46 -20.64
N ASP J 235 7.03 3.26 -21.64
CA ASP J 235 7.35 4.67 -21.48
C ASP J 235 6.32 5.49 -22.24
N LEU J 236 5.56 6.33 -21.51
CA LEU J 236 4.48 7.11 -22.10
C LEU J 236 4.61 8.56 -21.63
N PRO J 237 5.54 9.32 -22.23
CA PRO J 237 5.63 10.75 -21.88
C PRO J 237 4.34 11.50 -22.13
N LYS J 238 3.55 11.08 -23.11
CA LYS J 238 2.21 11.63 -23.28
C LYS J 238 1.37 11.45 -22.04
N ALA J 239 1.58 10.38 -21.28
CA ALA J 239 0.85 10.11 -20.06
C ALA J 239 1.64 10.46 -18.81
N ASN J 240 2.82 11.04 -18.95
CA ASN J 240 3.73 11.26 -17.82
C ASN J 240 3.88 9.98 -16.99
N LEU J 241 4.08 8.88 -17.69
CA LEU J 241 3.93 7.55 -17.11
C LEU J 241 5.07 6.66 -17.57
N VAL J 242 5.59 5.86 -16.65
CA VAL J 242 6.40 4.70 -16.97
C VAL J 242 5.87 3.53 -16.16
N PHE J 243 5.84 2.35 -16.76
CA PHE J 243 5.42 1.13 -16.06
C PHE J 243 6.41 0.02 -16.36
N ARG J 244 6.88 -0.66 -15.32
CA ARG J 244 7.67 -1.88 -15.46
C ARG J 244 6.92 -3.01 -14.77
N GLY J 245 6.65 -4.08 -15.52
CA GLY J 245 5.99 -5.24 -14.95
C GLY J 245 6.39 -6.50 -15.67
N GLY J 246 6.48 -7.59 -14.93
CA GLY J 246 7.00 -8.83 -15.48
C GLY J 246 6.48 -10.03 -14.72
N ILE J 247 6.39 -11.15 -15.41
CA ILE J 247 6.12 -12.44 -14.81
C ILE J 247 7.43 -13.11 -14.40
N ASP J 248 7.45 -13.67 -13.20
CA ASP J 248 8.54 -14.51 -12.72
C ASP J 248 8.18 -15.97 -12.89
N SER J 249 9.14 -16.77 -13.36
CA SER J 249 8.93 -18.22 -13.46
C SER J 249 8.83 -18.90 -12.12
N ASN J 250 8.95 -18.19 -11.00
CA ASN J 250 8.46 -18.67 -9.72
C ASN J 250 7.06 -18.16 -9.43
N TRP J 251 6.41 -17.56 -10.43
CA TRP J 251 5.03 -17.10 -10.42
C TRP J 251 4.77 -15.94 -9.48
N GLN J 252 5.79 -15.20 -9.06
CA GLN J 252 5.55 -13.82 -8.68
C GLN J 252 5.18 -13.02 -9.93
N ILE J 253 4.31 -12.04 -9.75
CA ILE J 253 4.04 -11.04 -10.79
C ILE J 253 4.20 -9.68 -10.14
N PHE J 254 4.90 -8.79 -10.82
CA PHE J 254 5.20 -7.48 -10.26
C PHE J 254 4.88 -6.40 -11.29
N GLY J 255 4.49 -5.24 -10.78
CA GLY J 255 4.27 -4.05 -11.56
C GLY J 255 4.61 -2.85 -10.73
N VAL J 256 5.38 -1.91 -11.28
CA VAL J 256 5.74 -0.69 -10.58
C VAL J 256 5.42 0.47 -11.50
N LEU J 257 4.35 1.18 -11.19
CA LEU J 257 4.05 2.45 -11.82
C LEU J 257 5.01 3.52 -11.32
N GLU J 258 5.26 4.51 -12.16
CA GLU J 258 5.60 5.83 -11.64
C GLU J 258 4.86 6.88 -12.46
N LYS J 259 4.24 7.82 -11.77
CA LYS J 259 3.53 8.93 -12.39
C LYS J 259 4.24 10.21 -12.01
N ARG J 260 4.76 10.94 -12.99
CA ARG J 260 5.12 12.33 -12.77
C ARG J 260 3.83 13.15 -12.73
N LEU J 261 3.63 13.89 -11.64
CA LEU J 261 2.31 14.47 -11.39
C LEU J 261 2.09 15.73 -12.21
N ALA J 262 3.16 16.42 -12.57
CA ALA J 262 3.05 17.75 -13.16
C ALA J 262 4.40 18.13 -13.76
N PRO J 263 4.50 19.26 -14.45
CA PRO J 263 5.81 19.91 -14.56
C PRO J 263 6.43 20.17 -13.20
N LEU J 264 5.62 20.39 -12.18
CA LEU J 264 6.09 20.43 -10.80
C LEU J 264 6.60 19.05 -10.39
N PRO J 265 7.86 18.93 -9.97
CA PRO J 265 8.58 17.65 -10.14
C PRO J 265 8.27 16.59 -9.09
N PHE J 266 7.00 16.42 -8.75
CA PHE J 266 6.58 15.23 -8.02
C PHE J 266 6.49 14.06 -8.99
N THR J 267 6.98 12.89 -8.57
CA THR J 267 6.56 11.62 -9.15
C THR J 267 5.98 10.70 -8.08
N LEU J 268 4.76 10.24 -8.30
CA LEU J 268 4.20 9.13 -7.54
C LEU J 268 4.77 7.81 -8.06
N ALA J 269 5.04 6.88 -7.14
CA ALA J 269 5.35 5.51 -7.50
C ALA J 269 4.37 4.57 -6.81
N LEU J 270 3.83 3.63 -7.57
CA LEU J 270 2.90 2.62 -7.07
C LEU J 270 3.49 1.25 -7.39
N SER J 271 3.72 0.44 -6.36
CA SER J 271 4.42 -0.82 -6.50
C SER J 271 3.51 -1.97 -6.08
N GLY J 272 3.24 -2.87 -7.02
CA GLY J 272 2.50 -4.08 -6.70
C GLY J 272 3.28 -5.33 -7.03
N ARG J 273 3.47 -6.19 -6.02
CA ARG J 273 3.99 -7.54 -6.21
C ARG J 273 2.98 -8.52 -5.67
N MET J 274 2.55 -9.47 -6.50
CA MET J 274 1.74 -10.58 -6.03
C MET J 274 2.52 -11.87 -6.20
N ASN J 275 2.72 -12.58 -5.09
CA ASN J 275 3.23 -13.95 -5.11
C ASN J 275 2.05 -14.90 -5.30
N HIS J 276 1.81 -15.32 -6.54
CA HIS J 276 0.69 -16.22 -6.80
C HIS J 276 0.92 -17.60 -6.21
N VAL J 277 2.15 -17.95 -5.84
CA VAL J 277 2.35 -19.19 -5.10
C VAL J 277 1.73 -19.10 -3.72
N LYS J 278 1.90 -17.96 -3.05
CA LYS J 278 1.41 -17.77 -1.70
C LYS J 278 0.13 -16.94 -1.65
N ASN J 279 -0.43 -16.58 -2.80
CA ASN J 279 -1.59 -15.70 -2.87
C ASN J 279 -1.36 -14.40 -2.10
N ASN J 280 -0.12 -13.92 -2.09
CA ASN J 280 0.31 -12.87 -1.18
C ASN J 280 0.63 -11.60 -1.97
N PHE J 281 0.01 -10.50 -1.59
CA PHE J 281 0.19 -9.22 -2.24
C PHE J 281 0.93 -8.27 -1.30
N ARG J 282 1.91 -7.56 -1.83
CA ARG J 282 2.63 -6.51 -1.10
C ARG J 282 2.49 -5.19 -1.85
N LEU J 283 1.80 -4.23 -1.25
CA LEU J 283 1.57 -2.93 -1.87
C LEU J 283 2.64 -1.95 -1.39
N GLY J 284 3.08 -1.07 -2.28
CA GLY J 284 3.80 0.11 -1.86
C GLY J 284 3.40 1.32 -2.68
N CYS J 285 3.54 2.48 -2.06
CA CYS J 285 3.33 3.76 -2.71
C CYS J 285 4.39 4.73 -2.19
N GLY J 286 4.79 5.68 -3.02
CA GLY J 286 5.80 6.63 -2.59
C GLY J 286 5.84 7.85 -3.48
N LEU J 287 6.35 8.94 -2.91
CA LEU J 287 6.42 10.23 -3.57
C LEU J 287 7.87 10.66 -3.64
N MET J 288 8.36 10.95 -4.84
CA MET J 288 9.65 11.57 -5.04
C MET J 288 9.43 13.03 -5.44
N ILE J 289 10.14 13.94 -4.77
CA ILE J 289 10.08 15.36 -5.07
C ILE J 289 11.45 15.79 -5.57
N GLY J 290 11.49 16.35 -6.78
CA GLY J 290 12.75 16.75 -7.39
C GLY J 290 13.18 18.13 -6.93
#